data_5W2E
#
_entry.id   5W2E
#
_cell.length_a   86.092
_cell.length_b   106.418
_cell.length_c   126.091
_cell.angle_alpha   90.00
_cell.angle_beta   90.00
_cell.angle_gamma   90.00
#
_symmetry.space_group_name_H-M   'P 21 21 21'
#
loop_
_entity.id
_entity.type
_entity.pdbx_description
1 polymer 'Genome polyprotein'
2 non-polymer "2-(4-fluorophenyl)-5-(11-fluoro-6H-pyrido[2',3':5,6][1,3]oxazino[3,4-a]indol-2-yl)-N-methyl-6-[methyl(methylsulfonyl)amino]-1-benzofuran-3-carboxamide"
3 water water
#
_entity_poly.entity_id   1
_entity_poly.type   'polypeptide(L)'
_entity_poly.pdbx_seq_one_letter_code
;ASHHHHHHSYTWTGALITPCAAEESKLPINPLSNSLLRHHNMVYATTSRSASLRQKKVTFDRLQVLDDHYRDVLKEMKAK
ASTVKAKLLSVEEACKLTPPHSAKSKFGYGAKDVRNLSSKAVNHIHSVWKDLLEDTVTPIDTTIMAKNEVFCVQPEKGGR
KPARLIVFPDLGVRVCEKMALYDVVSTLPQVVMGSSYGFQYSPGQRVEFLVNTWKSKKNPMGFSYDTRCFDSTVTENDIR
VEESIYQCCDLAPEARQAIKSLTERLYIGGPLTNSKGQNCGYRRCRASGVLTTSCGNTLTCYLKASAACRAAKLQDCTML
VNGDDLVVICESAGVQEDAASLRAFTEAMTRYSAPPGDPPQPEYDLELITSCSSNVSVAHDASGKRVYYLTRDPTTPLAR
AAWETARHTPVNSWLGNIIMYAPTLWARMILMTHFFSILLAQEQLEKALDCQIYGACYSIEPLDLPQIIERLHGLSAFSL
HSYSPGEINRVASCLRKLGVPPLRVWRHRARSVRARLLSQGGRAATCGKYLFNWAVKTKLKLTPIPAASQLDLSGWFVAG
YSGGDIYHSLSRARPR
;
_entity_poly.pdbx_strand_id   A,B
#
loop_
_chem_comp.id
_chem_comp.type
_chem_comp.name
_chem_comp.formula
9VY non-polymer 2-(4-fluorophenyl)-5-(11-fluoro-6H-pyrido[2',3':5,6][1,3]oxazino[3,4-a]indol-2-yl)-N-methyl-6-[methyl(methylsulfonyl)amino]-1-benzofuran-3-carboxamide 'C32 H24 F2 N4 O5 S'
#
# COMPACT_ATOMS: atom_id res chain seq x y z
N HIS A 7 10.35 36.93 -22.35
CA HIS A 7 10.00 35.66 -21.70
C HIS A 7 8.88 35.82 -20.67
N HIS A 8 7.92 36.73 -20.93
CA HIS A 8 6.79 37.04 -20.05
C HIS A 8 5.77 35.93 -19.96
N SER A 9 5.09 35.84 -18.82
CA SER A 9 4.09 34.81 -18.55
C SER A 9 2.85 35.01 -19.38
N TYR A 10 2.52 36.29 -19.65
CA TYR A 10 1.36 36.74 -20.42
C TYR A 10 1.66 37.97 -21.27
N THR A 11 0.90 38.11 -22.36
CA THR A 11 0.89 39.26 -23.27
C THR A 11 -0.59 39.67 -23.24
N TRP A 12 -0.87 40.99 -23.30
CA TRP A 12 -2.24 41.51 -23.26
C TRP A 12 -2.44 42.54 -24.34
N THR A 13 -3.71 42.77 -24.71
CA THR A 13 -4.08 43.70 -25.76
C THR A 13 -4.68 44.96 -25.16
N GLY A 14 -5.56 44.78 -24.19
CA GLY A 14 -6.29 45.87 -23.55
C GLY A 14 -7.77 45.55 -23.44
N ALA A 15 -8.22 44.49 -24.17
CA ALA A 15 -9.60 44.00 -24.10
C ALA A 15 -9.79 43.39 -22.72
N LEU A 16 -10.79 43.89 -21.97
CA LEU A 16 -11.08 43.46 -20.62
C LEU A 16 -11.50 41.99 -20.53
N ILE A 17 -11.36 41.37 -19.33
CA ILE A 17 -11.86 40.02 -19.10
C ILE A 17 -13.34 40.24 -18.71
N THR A 18 -14.24 39.83 -19.61
CA THR A 18 -15.68 40.07 -19.49
C THR A 18 -16.46 38.90 -18.87
N PRO A 19 -17.48 39.16 -18.02
CA PRO A 19 -18.24 38.04 -17.45
C PRO A 19 -19.22 37.42 -18.46
N CYS A 20 -19.60 36.17 -18.23
CA CYS A 20 -20.54 35.43 -19.07
C CYS A 20 -21.96 35.64 -18.54
N ALA A 21 -22.06 36.13 -17.28
CA ALA A 21 -23.33 36.41 -16.60
C ALA A 21 -23.20 37.67 -15.70
N ALA A 22 -24.24 37.94 -14.88
CA ALA A 22 -24.26 39.05 -13.93
C ALA A 22 -23.58 38.58 -12.65
N GLU A 23 -22.73 39.44 -12.08
CA GLU A 23 -21.95 39.10 -10.89
C GLU A 23 -22.38 39.83 -9.61
N GLU A 24 -22.76 39.05 -8.58
CA GLU A 24 -23.14 39.54 -7.26
C GLU A 24 -21.89 39.62 -6.38
N SER A 25 -21.50 40.82 -6.00
CA SER A 25 -20.34 41.04 -5.12
C SER A 25 -20.76 40.92 -3.62
N LYS A 26 -21.81 41.68 -3.21
CA LYS A 26 -22.35 41.72 -1.84
C LYS A 26 -23.14 40.46 -1.48
N LEU A 27 -22.87 39.90 -0.26
CA LEU A 27 -23.47 38.69 0.31
C LEU A 27 -25.03 38.69 0.35
N PRO A 28 -25.67 37.66 -0.30
CA PRO A 28 -27.14 37.60 -0.29
C PRO A 28 -27.73 37.24 1.06
N ILE A 29 -28.83 37.89 1.44
CA ILE A 29 -29.45 37.70 2.75
C ILE A 29 -30.82 37.00 2.64
N ASN A 30 -30.90 35.84 3.30
CA ASN A 30 -32.03 34.92 3.43
C ASN A 30 -32.62 35.18 4.79
N PRO A 31 -33.61 34.35 5.19
CA PRO A 31 -34.18 34.37 6.51
C PRO A 31 -33.28 33.49 7.40
N LEU A 32 -32.48 32.56 6.80
CA LEU A 32 -31.60 31.62 7.51
C LEU A 32 -30.21 32.17 7.80
N SER A 33 -29.77 33.18 7.03
CA SER A 33 -28.50 33.89 7.05
C SER A 33 -27.97 34.31 8.45
N ASN A 34 -28.77 35.06 9.22
CA ASN A 34 -28.46 35.60 10.55
C ASN A 34 -28.27 34.52 11.64
N SER A 35 -28.79 33.28 11.41
CA SER A 35 -28.65 32.14 12.32
C SER A 35 -27.26 31.50 12.17
N LEU A 36 -26.53 31.88 11.09
CA LEU A 36 -25.18 31.41 10.82
C LEU A 36 -24.14 32.52 10.97
N LEU A 37 -24.35 33.69 10.33
CA LEU A 37 -23.36 34.75 10.31
C LEU A 37 -24.00 36.12 10.45
N ARG A 38 -23.66 36.88 11.50
CA ARG A 38 -24.25 38.21 11.69
C ARG A 38 -23.49 39.33 11.00
N HIS A 39 -22.13 39.25 10.93
CA HIS A 39 -21.28 40.28 10.32
C HIS A 39 -21.16 40.08 8.79
N HIS A 40 -22.26 40.43 8.08
CA HIS A 40 -22.47 40.29 6.63
C HIS A 40 -21.53 41.11 5.76
N ASN A 41 -21.14 42.30 6.24
CA ASN A 41 -20.28 43.25 5.51
C ASN A 41 -18.82 42.80 5.42
N MET A 42 -18.53 41.58 5.93
CA MET A 42 -17.20 40.97 5.94
C MET A 42 -17.05 39.91 4.87
N VAL A 43 -18.19 39.39 4.34
CA VAL A 43 -18.25 38.37 3.28
C VAL A 43 -18.50 39.08 1.94
N TYR A 44 -17.64 38.81 0.95
CA TYR A 44 -17.73 39.37 -0.40
C TYR A 44 -17.45 38.30 -1.46
N ALA A 45 -17.80 38.55 -2.72
CA ALA A 45 -17.44 37.67 -3.81
C ALA A 45 -16.63 38.49 -4.83
N THR A 46 -15.57 37.89 -5.41
CA THR A 46 -14.72 38.54 -6.41
C THR A 46 -15.45 38.58 -7.75
N THR A 47 -15.47 39.75 -8.41
CA THR A 47 -16.14 39.91 -9.71
C THR A 47 -15.13 40.10 -10.83
N SER A 48 -15.61 40.12 -12.10
CA SER A 48 -14.74 40.37 -13.25
C SER A 48 -14.10 41.78 -13.16
N ARG A 49 -14.67 42.69 -12.33
CA ARG A 49 -14.17 44.04 -12.07
C ARG A 49 -12.74 44.03 -11.53
N SER A 50 -12.39 42.95 -10.82
CA SER A 50 -11.09 42.72 -10.16
C SER A 50 -9.98 42.19 -11.08
N ALA A 51 -10.34 41.64 -12.30
CA ALA A 51 -9.45 40.98 -13.30
C ALA A 51 -8.19 41.74 -13.61
N SER A 52 -8.31 43.04 -13.94
CA SER A 52 -7.21 43.94 -14.26
C SER A 52 -6.08 43.99 -13.24
N LEU A 53 -6.40 43.69 -11.96
CA LEU A 53 -5.45 43.64 -10.86
C LEU A 53 -4.68 42.31 -10.88
N ARG A 54 -5.37 41.17 -11.17
CA ARG A 54 -4.75 39.83 -11.27
C ARG A 54 -3.85 39.79 -12.48
N GLN A 55 -4.30 40.39 -13.61
CA GLN A 55 -3.56 40.50 -14.87
C GLN A 55 -2.14 41.00 -14.61
N LYS A 56 -2.02 42.06 -13.78
CA LYS A 56 -0.76 42.68 -13.35
C LYS A 56 0.10 41.67 -12.57
N LYS A 57 -0.45 41.10 -11.46
CA LYS A 57 0.18 40.07 -10.60
C LYS A 57 0.75 38.85 -11.37
N VAL A 58 -0.07 38.23 -12.23
CA VAL A 58 0.25 37.00 -12.98
C VAL A 58 1.15 37.25 -14.22
N THR A 59 1.44 38.53 -14.57
CA THR A 59 2.30 38.87 -15.71
C THR A 59 3.67 39.39 -15.28
N PHE A 60 4.67 38.54 -15.45
CA PHE A 60 6.08 38.79 -15.17
C PHE A 60 6.97 37.95 -16.07
N ASP A 61 8.26 38.33 -16.20
CA ASP A 61 9.24 37.60 -16.99
C ASP A 61 9.85 36.50 -16.15
N ARG A 62 10.20 35.38 -16.78
CA ARG A 62 10.73 34.22 -16.09
C ARG A 62 12.08 33.86 -16.64
N LEU A 63 13.07 33.75 -15.74
CA LEU A 63 14.45 33.37 -16.10
C LEU A 63 14.75 32.03 -15.45
N GLN A 64 15.18 31.06 -16.26
CA GLN A 64 15.50 29.71 -15.82
C GLN A 64 16.95 29.37 -16.08
N VAL A 65 17.62 28.85 -15.05
CA VAL A 65 19.02 28.45 -15.06
C VAL A 65 19.02 26.99 -14.56
N LEU A 66 19.10 26.04 -15.50
CA LEU A 66 19.01 24.63 -15.14
C LEU A 66 20.36 23.97 -14.96
N ASP A 67 20.59 23.45 -13.75
CA ASP A 67 21.86 22.80 -13.42
C ASP A 67 21.77 21.27 -13.45
N ASP A 68 22.90 20.61 -13.09
CA ASP A 68 23.04 19.16 -13.07
C ASP A 68 22.08 18.45 -12.13
N HIS A 69 21.67 19.07 -11.00
CA HIS A 69 20.71 18.46 -10.08
C HIS A 69 19.33 18.32 -10.71
N TYR A 70 18.96 19.26 -11.58
CA TYR A 70 17.69 19.29 -12.29
C TYR A 70 17.61 18.09 -13.28
N ARG A 71 18.60 17.94 -14.17
CA ARG A 71 18.65 16.84 -15.14
C ARG A 71 18.87 15.47 -14.48
N ASP A 72 19.61 15.40 -13.33
CA ASP A 72 19.82 14.16 -12.58
C ASP A 72 18.49 13.63 -12.06
N VAL A 73 17.66 14.50 -11.47
CA VAL A 73 16.33 14.19 -10.98
C VAL A 73 15.43 13.82 -12.17
N LEU A 74 15.46 14.63 -13.28
CA LEU A 74 14.63 14.41 -14.47
C LEU A 74 14.93 13.04 -15.05
N LYS A 75 16.22 12.66 -15.20
CA LYS A 75 16.66 11.33 -15.67
C LYS A 75 15.97 10.22 -14.88
N GLU A 76 15.87 10.39 -13.54
CA GLU A 76 15.24 9.44 -12.61
C GLU A 76 13.74 9.37 -12.78
N MET A 77 13.07 10.53 -12.90
CA MET A 77 11.62 10.62 -13.06
C MET A 77 11.19 9.88 -14.32
N LYS A 78 12.00 10.04 -15.42
CA LYS A 78 11.78 9.42 -16.74
C LYS A 78 12.03 7.93 -16.69
N ALA A 79 12.92 7.48 -15.79
CA ALA A 79 13.21 6.04 -15.62
C ALA A 79 11.99 5.36 -15.05
N LYS A 80 11.32 6.03 -14.09
CA LYS A 80 10.11 5.49 -13.51
C LYS A 80 8.95 5.58 -14.51
N ALA A 81 8.82 6.72 -15.20
CA ALA A 81 7.79 6.95 -16.23
C ALA A 81 7.81 5.91 -17.34
N SER A 82 9.02 5.42 -17.74
CA SER A 82 9.24 4.41 -18.78
C SER A 82 8.57 3.06 -18.51
N THR A 83 8.20 2.81 -17.22
CA THR A 83 7.51 1.58 -16.78
C THR A 83 5.97 1.69 -16.85
N VAL A 84 5.46 2.92 -17.00
CA VAL A 84 4.02 3.18 -17.06
C VAL A 84 3.47 2.79 -18.46
N LYS A 85 2.36 2.04 -18.47
CA LYS A 85 1.61 1.75 -19.69
C LYS A 85 0.27 2.48 -19.49
N ALA A 86 -0.15 3.28 -20.49
CA ALA A 86 -1.38 4.05 -20.38
C ALA A 86 -2.25 3.78 -21.57
N LYS A 87 -3.58 3.78 -21.35
CA LYS A 87 -4.52 3.47 -22.42
C LYS A 87 -5.20 4.70 -23.01
N LEU A 88 -5.55 4.57 -24.27
CA LEU A 88 -6.27 5.60 -24.99
C LEU A 88 -7.74 5.38 -24.65
N LEU A 89 -8.37 6.40 -24.04
CA LEU A 89 -9.77 6.34 -23.63
C LEU A 89 -10.69 6.47 -24.81
N SER A 90 -11.77 5.68 -24.77
CA SER A 90 -12.76 5.67 -25.84
C SER A 90 -13.54 6.98 -25.78
N VAL A 91 -14.05 7.43 -26.96
CA VAL A 91 -14.90 8.63 -27.07
C VAL A 91 -15.99 8.53 -25.96
N GLU A 92 -16.60 7.33 -25.76
CA GLU A 92 -17.61 7.05 -24.75
C GLU A 92 -17.10 7.20 -23.32
N GLU A 93 -15.85 6.76 -23.03
CA GLU A 93 -15.26 6.86 -21.69
C GLU A 93 -15.00 8.32 -21.29
N ALA A 94 -14.33 9.11 -22.16
CA ALA A 94 -14.04 10.52 -21.94
C ALA A 94 -15.34 11.32 -21.75
N CYS A 95 -16.39 10.96 -22.52
CA CYS A 95 -17.72 11.60 -22.50
C CYS A 95 -18.40 11.47 -21.15
N LYS A 96 -18.49 10.22 -20.67
CA LYS A 96 -19.03 9.81 -19.37
C LYS A 96 -18.23 10.47 -18.19
N LEU A 97 -17.03 10.99 -18.44
CA LEU A 97 -16.19 11.69 -17.46
C LEU A 97 -16.41 13.22 -17.48
N THR A 98 -17.36 13.73 -18.31
CA THR A 98 -17.62 15.18 -18.45
C THR A 98 -18.62 15.66 -17.38
N PRO A 99 -18.32 16.72 -16.58
CA PRO A 99 -19.30 17.20 -15.60
C PRO A 99 -20.57 17.65 -16.28
N PRO A 100 -21.75 17.38 -15.70
CA PRO A 100 -23.01 17.75 -16.36
C PRO A 100 -23.22 19.24 -16.53
N HIS A 101 -22.60 20.09 -15.68
CA HIS A 101 -22.77 21.53 -15.81
C HIS A 101 -21.47 22.22 -16.34
N SER A 102 -20.66 21.41 -17.04
CA SER A 102 -19.44 21.83 -17.73
C SER A 102 -19.82 22.82 -18.84
N ALA A 103 -18.94 23.79 -19.16
CA ALA A 103 -19.18 24.81 -20.18
C ALA A 103 -19.48 24.20 -21.57
N LYS A 104 -20.55 24.67 -22.20
CA LYS A 104 -21.02 24.24 -23.52
C LYS A 104 -19.97 24.56 -24.59
N SER A 105 -20.06 23.88 -25.72
CA SER A 105 -19.17 24.13 -26.83
C SER A 105 -19.72 25.28 -27.66
N LYS A 106 -18.81 26.03 -28.32
CA LYS A 106 -19.17 27.11 -29.22
C LYS A 106 -19.71 26.56 -30.52
N PHE A 107 -19.58 25.22 -30.72
CA PHE A 107 -20.01 24.51 -31.92
C PHE A 107 -21.35 23.75 -31.74
N GLY A 108 -22.27 24.34 -30.98
CA GLY A 108 -23.63 23.85 -30.78
C GLY A 108 -23.95 22.53 -30.11
N TYR A 109 -23.24 22.21 -29.00
CA TYR A 109 -23.47 21.03 -28.14
C TYR A 109 -22.99 21.32 -26.72
N GLY A 110 -23.62 20.69 -25.75
CA GLY A 110 -23.29 20.91 -24.34
C GLY A 110 -22.82 19.66 -23.63
N ALA A 111 -22.52 19.80 -22.33
CA ALA A 111 -22.06 18.70 -21.47
C ALA A 111 -23.08 17.56 -21.40
N LYS A 112 -24.39 17.90 -21.42
CA LYS A 112 -25.50 16.94 -21.41
C LYS A 112 -25.53 16.18 -22.75
N ASP A 113 -25.22 16.89 -23.87
CA ASP A 113 -25.16 16.32 -25.22
C ASP A 113 -24.03 15.30 -25.25
N VAL A 114 -22.83 15.75 -24.81
CA VAL A 114 -21.59 14.98 -24.70
C VAL A 114 -21.84 13.66 -23.92
N ARG A 115 -22.46 13.77 -22.72
CA ARG A 115 -22.76 12.65 -21.82
C ARG A 115 -23.71 11.59 -22.38
N ASN A 116 -24.76 12.03 -23.12
CA ASN A 116 -25.78 11.16 -23.73
C ASN A 116 -25.30 10.57 -25.06
N LEU A 117 -24.09 10.99 -25.49
CA LEU A 117 -23.36 10.59 -26.70
C LEU A 117 -24.13 10.98 -28.01
N SER A 118 -24.64 12.22 -28.08
CA SER A 118 -25.36 12.80 -29.23
C SER A 118 -24.48 12.77 -30.47
N SER A 119 -25.09 12.53 -31.64
CA SER A 119 -24.43 12.51 -32.96
C SER A 119 -23.64 13.80 -33.14
N LYS A 120 -24.29 14.97 -32.93
CA LYS A 120 -23.65 16.29 -33.06
C LYS A 120 -22.38 16.36 -32.19
N ALA A 121 -22.49 16.05 -30.87
CA ALA A 121 -21.36 16.06 -29.91
C ALA A 121 -20.25 15.07 -30.27
N VAL A 122 -20.60 13.76 -30.49
CA VAL A 122 -19.66 12.67 -30.84
C VAL A 122 -18.89 13.00 -32.15
N ASN A 123 -19.59 13.48 -33.19
CA ASN A 123 -19.04 13.89 -34.47
C ASN A 123 -18.04 15.06 -34.40
N HIS A 124 -18.24 15.98 -33.44
CA HIS A 124 -17.32 17.10 -33.25
C HIS A 124 -16.09 16.65 -32.54
N ILE A 125 -16.23 15.73 -31.55
CA ILE A 125 -15.11 15.18 -30.78
C ILE A 125 -14.21 14.40 -31.72
N HIS A 126 -14.81 13.58 -32.61
CA HIS A 126 -14.11 12.84 -33.67
C HIS A 126 -13.34 13.81 -34.61
N SER A 127 -13.94 14.98 -34.96
CA SER A 127 -13.35 16.00 -35.83
C SER A 127 -12.17 16.72 -35.16
N VAL A 128 -12.34 17.13 -33.88
CA VAL A 128 -11.29 17.78 -33.10
C VAL A 128 -10.10 16.82 -32.94
N TRP A 129 -10.37 15.52 -32.67
CA TRP A 129 -9.36 14.47 -32.50
C TRP A 129 -8.57 14.28 -33.77
N LYS A 130 -9.27 14.23 -34.92
CA LYS A 130 -8.64 14.09 -36.23
C LYS A 130 -7.73 15.28 -36.45
N ASP A 131 -8.23 16.49 -36.14
CA ASP A 131 -7.44 17.70 -36.29
C ASP A 131 -6.19 17.64 -35.44
N LEU A 132 -6.31 17.10 -34.20
CA LEU A 132 -5.16 16.95 -33.30
C LEU A 132 -4.08 16.04 -33.94
N LEU A 133 -4.49 14.93 -34.55
CA LEU A 133 -3.57 14.00 -35.19
C LEU A 133 -2.93 14.54 -36.46
N GLU A 134 -3.62 15.39 -37.23
CA GLU A 134 -3.08 15.89 -38.50
C GLU A 134 -2.30 17.21 -38.39
N ASP A 135 -2.62 18.07 -37.40
CA ASP A 135 -2.01 19.39 -37.16
C ASP A 135 -1.32 19.45 -35.81
N THR A 136 0.00 19.71 -35.76
CA THR A 136 0.73 19.79 -34.47
C THR A 136 1.30 21.19 -34.17
N VAL A 137 0.85 22.23 -34.88
CA VAL A 137 1.49 23.54 -34.75
C VAL A 137 0.53 24.74 -34.53
N THR A 138 -0.74 24.69 -35.05
CA THR A 138 -1.75 25.76 -34.90
C THR A 138 -2.21 25.89 -33.50
N PRO A 139 -2.00 27.03 -32.81
CA PRO A 139 -2.49 27.13 -31.43
C PRO A 139 -4.01 26.96 -31.36
N ILE A 140 -4.44 26.42 -30.23
CA ILE A 140 -5.85 26.16 -29.91
C ILE A 140 -6.33 27.34 -29.09
N ASP A 141 -7.49 27.87 -29.44
CA ASP A 141 -8.03 28.98 -28.69
C ASP A 141 -8.45 28.53 -27.27
N THR A 142 -8.43 29.49 -26.32
CA THR A 142 -8.83 29.31 -24.94
C THR A 142 -9.65 30.51 -24.52
N THR A 143 -10.54 30.32 -23.52
CA THR A 143 -11.36 31.38 -22.93
C THR A 143 -10.77 31.79 -21.58
N ILE A 144 -10.68 33.08 -21.34
CA ILE A 144 -10.19 33.60 -20.07
C ILE A 144 -11.40 34.15 -19.30
N MET A 145 -11.60 33.63 -18.06
CA MET A 145 -12.73 33.98 -17.18
C MET A 145 -12.25 34.35 -15.79
N ALA A 146 -12.90 35.38 -15.22
CA ALA A 146 -12.66 35.78 -13.85
C ALA A 146 -13.53 34.85 -13.00
N LYS A 147 -12.92 34.23 -11.96
CA LYS A 147 -13.58 33.29 -11.07
C LYS A 147 -14.32 34.05 -9.96
N ASN A 148 -15.61 33.73 -9.77
CA ASN A 148 -16.43 34.31 -8.72
C ASN A 148 -16.38 33.37 -7.51
N GLU A 149 -15.45 33.68 -6.60
CA GLU A 149 -15.19 32.98 -5.34
C GLU A 149 -15.50 33.92 -4.18
N VAL A 150 -15.97 33.34 -3.07
CA VAL A 150 -16.38 34.04 -1.83
C VAL A 150 -15.23 34.05 -0.80
N PHE A 151 -14.98 35.20 -0.18
CA PHE A 151 -13.93 35.33 0.84
C PHE A 151 -14.34 36.23 2.00
N CYS A 152 -13.48 36.32 3.03
CA CYS A 152 -13.70 37.21 4.17
C CYS A 152 -12.67 38.36 4.12
N VAL A 153 -13.00 39.50 4.75
CA VAL A 153 -12.12 40.68 4.81
C VAL A 153 -10.87 40.44 5.70
N GLN A 154 -9.72 41.07 5.34
CA GLN A 154 -8.40 40.98 6.02
C GLN A 154 -7.83 39.56 6.04
N ARG A 160 -9.28 43.45 0.03
CA ARG A 160 -10.12 42.51 -0.72
C ARG A 160 -9.30 41.95 -1.84
N LYS A 161 -9.34 40.62 -2.03
CA LYS A 161 -8.57 39.92 -3.08
C LYS A 161 -9.13 40.18 -4.48
N PRO A 162 -8.29 40.20 -5.54
CA PRO A 162 -8.84 40.31 -6.90
C PRO A 162 -9.33 38.94 -7.43
N ALA A 163 -10.10 38.94 -8.55
CA ALA A 163 -10.65 37.73 -9.16
C ALA A 163 -9.56 36.80 -9.70
N ARG A 164 -9.51 35.55 -9.24
CA ARG A 164 -8.55 34.56 -9.75
C ARG A 164 -8.96 34.22 -11.20
N LEU A 165 -8.00 33.83 -12.08
CA LEU A 165 -8.32 33.59 -13.49
C LEU A 165 -8.27 32.15 -13.95
N ILE A 166 -9.25 31.73 -14.78
CA ILE A 166 -9.31 30.39 -15.33
C ILE A 166 -9.20 30.42 -16.85
N VAL A 167 -8.18 29.76 -17.41
CA VAL A 167 -7.95 29.67 -18.86
C VAL A 167 -8.40 28.28 -19.35
N PHE A 168 -9.34 28.19 -20.30
CA PHE A 168 -9.76 26.85 -20.70
C PHE A 168 -10.12 26.70 -22.18
N PRO A 169 -9.85 25.50 -22.76
CA PRO A 169 -10.21 25.29 -24.18
C PRO A 169 -11.67 24.83 -24.30
N ASP A 170 -12.21 24.80 -25.55
CA ASP A 170 -13.58 24.36 -25.85
C ASP A 170 -13.87 22.94 -25.36
N LEU A 171 -15.16 22.67 -25.03
CA LEU A 171 -15.67 21.38 -24.60
C LEU A 171 -15.05 20.17 -25.33
N GLY A 172 -15.03 20.19 -26.67
CA GLY A 172 -14.48 19.14 -27.53
C GLY A 172 -13.00 18.86 -27.36
N VAL A 173 -12.21 19.90 -27.00
CA VAL A 173 -10.78 19.76 -26.73
C VAL A 173 -10.62 19.07 -25.39
N ARG A 174 -11.50 19.39 -24.42
CA ARG A 174 -11.46 18.80 -23.08
C ARG A 174 -11.77 17.33 -23.12
N VAL A 175 -12.71 16.94 -24.00
CA VAL A 175 -13.03 15.52 -24.20
C VAL A 175 -11.79 14.86 -24.83
N CYS A 176 -11.16 15.51 -25.83
CA CYS A 176 -9.96 14.96 -26.49
C CYS A 176 -8.75 14.85 -25.54
N GLU A 177 -8.54 15.86 -24.66
CA GLU A 177 -7.48 15.81 -23.62
C GLU A 177 -7.68 14.51 -22.78
N LYS A 178 -8.94 14.22 -22.37
CA LYS A 178 -9.32 13.04 -21.59
C LYS A 178 -8.98 11.75 -22.32
N MET A 179 -9.29 11.65 -23.62
CA MET A 179 -8.95 10.45 -24.41
C MET A 179 -7.43 10.15 -24.41
N ALA A 180 -6.62 11.17 -24.66
CA ALA A 180 -5.16 11.07 -24.71
C ALA A 180 -4.46 10.92 -23.36
N LEU A 181 -4.89 11.68 -22.32
CA LEU A 181 -4.16 11.78 -21.05
C LEU A 181 -4.84 11.39 -19.73
N TYR A 182 -6.14 11.06 -19.72
CA TYR A 182 -6.76 10.69 -18.44
C TYR A 182 -6.06 9.48 -17.78
N ASP A 183 -5.75 8.43 -18.57
CA ASP A 183 -5.04 7.26 -18.01
C ASP A 183 -3.59 7.61 -17.55
N VAL A 184 -2.91 8.53 -18.28
CA VAL A 184 -1.57 9.02 -18.01
C VAL A 184 -1.60 9.69 -16.63
N VAL A 185 -2.36 10.82 -16.49
CA VAL A 185 -2.50 11.61 -15.26
C VAL A 185 -2.94 10.75 -14.05
N SER A 186 -3.63 9.60 -14.31
CA SER A 186 -4.13 8.69 -13.28
C SER A 186 -3.07 7.75 -12.75
N THR A 187 -2.24 7.19 -13.64
CA THR A 187 -1.28 6.17 -13.28
C THR A 187 0.16 6.66 -13.11
N LEU A 188 0.63 7.55 -13.99
CA LEU A 188 2.00 8.06 -14.00
C LEU A 188 2.48 8.74 -12.72
N PRO A 189 1.79 9.76 -12.13
CA PRO A 189 2.38 10.48 -10.99
C PRO A 189 2.75 9.63 -9.79
N GLN A 190 1.97 8.58 -9.46
CA GLN A 190 2.32 7.76 -8.33
C GLN A 190 3.57 6.94 -8.67
N VAL A 191 3.68 6.50 -9.92
CA VAL A 191 4.84 5.70 -10.31
C VAL A 191 6.12 6.58 -10.24
N VAL A 192 6.02 7.82 -10.69
CA VAL A 192 7.14 8.75 -10.73
C VAL A 192 7.54 9.25 -9.33
N MET A 193 6.55 9.61 -8.48
CA MET A 193 6.77 10.27 -7.19
C MET A 193 6.57 9.43 -5.93
N GLY A 194 6.03 8.22 -6.07
CA GLY A 194 5.82 7.32 -4.95
C GLY A 194 4.88 7.87 -3.90
N SER A 195 5.27 7.77 -2.61
CA SER A 195 4.47 8.24 -1.48
C SER A 195 4.35 9.75 -1.42
N SER A 196 5.20 10.45 -2.18
CA SER A 196 5.24 11.91 -2.30
C SER A 196 4.08 12.50 -3.13
N TYR A 197 3.38 11.67 -3.95
CA TYR A 197 2.24 12.15 -4.76
C TYR A 197 1.03 12.29 -3.86
N GLY A 198 0.76 13.51 -3.41
CA GLY A 198 -0.31 13.80 -2.46
C GLY A 198 -1.72 13.40 -2.85
N PHE A 199 -2.07 13.53 -4.13
CA PHE A 199 -3.40 13.23 -4.68
C PHE A 199 -3.84 11.77 -4.59
N GLN A 200 -3.03 10.87 -4.03
CA GLN A 200 -3.40 9.47 -3.86
C GLN A 200 -4.06 9.22 -2.49
N TYR A 201 -3.82 10.12 -1.53
CA TYR A 201 -4.26 9.98 -0.17
C TYR A 201 -5.63 10.53 0.10
N SER A 202 -6.42 9.77 0.87
CA SER A 202 -7.69 10.20 1.43
C SER A 202 -7.26 11.11 2.61
N PRO A 203 -8.04 12.10 3.13
CA PRO A 203 -7.51 12.95 4.21
C PRO A 203 -6.84 12.18 5.35
N GLY A 204 -7.41 11.03 5.73
CA GLY A 204 -6.90 10.13 6.75
C GLY A 204 -5.56 9.55 6.37
N GLN A 205 -5.41 9.12 5.10
CA GLN A 205 -4.18 8.54 4.55
C GLN A 205 -3.02 9.55 4.55
N ARG A 206 -3.35 10.86 4.32
CA ARG A 206 -2.44 12.00 4.29
C ARG A 206 -1.88 12.32 5.70
N VAL A 207 -2.75 12.40 6.75
CA VAL A 207 -2.34 12.65 8.16
C VAL A 207 -1.47 11.50 8.63
N GLU A 208 -1.81 10.28 8.17
CA GLU A 208 -1.11 9.03 8.45
C GLU A 208 0.27 9.13 7.82
N PHE A 209 0.36 9.62 6.58
CA PHE A 209 1.62 9.78 5.89
C PHE A 209 2.55 10.80 6.57
N LEU A 210 2.04 11.99 6.93
CA LEU A 210 2.87 13.04 7.52
C LEU A 210 3.44 12.68 8.83
N VAL A 211 2.63 12.01 9.68
CA VAL A 211 3.00 11.57 11.02
C VAL A 211 4.06 10.49 10.90
N ASN A 212 3.78 9.43 10.11
CA ASN A 212 4.71 8.33 9.91
C ASN A 212 6.04 8.82 9.35
N THR A 213 6.00 9.89 8.53
CA THR A 213 7.16 10.54 7.92
C THR A 213 7.90 11.40 8.96
N TRP A 214 7.16 12.19 9.74
CA TRP A 214 7.71 13.05 10.78
C TRP A 214 8.46 12.19 11.80
N LYS A 215 7.84 11.03 12.16
CA LYS A 215 8.36 10.02 13.08
C LYS A 215 9.59 9.30 12.51
N SER A 216 9.58 8.97 11.20
CA SER A 216 10.68 8.26 10.52
C SER A 216 12.05 8.95 10.69
N LYS A 217 12.04 10.25 11.00
CA LYS A 217 13.25 11.06 11.16
C LYS A 217 13.65 11.11 12.62
N LYS A 218 14.94 10.80 12.93
CA LYS A 218 15.56 10.86 14.27
C LYS A 218 15.28 12.22 14.93
N ASN A 219 15.70 13.32 14.26
CA ASN A 219 15.41 14.68 14.70
C ASN A 219 14.80 15.49 13.53
N PRO A 220 13.45 15.52 13.39
CA PRO A 220 12.84 16.14 12.20
C PRO A 220 12.68 17.64 12.20
N MET A 221 12.79 18.21 11.00
CA MET A 221 12.56 19.60 10.64
C MET A 221 11.77 19.58 9.31
N GLY A 222 10.73 20.39 9.24
CA GLY A 222 9.90 20.51 8.05
C GLY A 222 9.53 21.94 7.77
N PHE A 223 9.07 22.21 6.54
CA PHE A 223 8.62 23.53 6.08
C PHE A 223 7.71 23.36 4.89
N SER A 224 6.86 24.35 4.66
CA SER A 224 6.01 24.38 3.48
C SER A 224 6.69 25.33 2.47
N TYR A 225 6.47 25.13 1.20
CA TYR A 225 7.04 26.04 0.22
C TYR A 225 5.93 26.39 -0.75
N ASP A 226 5.60 27.67 -0.82
CA ASP A 226 4.53 28.07 -1.70
C ASP A 226 5.03 29.06 -2.73
N THR A 227 5.07 28.64 -4.00
CA THR A 227 5.52 29.49 -5.09
C THR A 227 4.44 30.54 -5.36
N ARG A 228 4.88 31.82 -5.55
CA ARG A 228 3.98 32.93 -5.89
C ARG A 228 3.58 32.80 -7.37
N CYS A 229 2.24 32.66 -7.63
CA CYS A 229 1.65 32.45 -8.96
C CYS A 229 2.38 31.36 -9.70
N PHE A 230 2.35 30.15 -9.13
CA PHE A 230 3.04 28.97 -9.68
C PHE A 230 2.74 28.75 -11.15
N ASP A 231 1.47 28.93 -11.59
CA ASP A 231 1.04 28.76 -12.98
C ASP A 231 1.85 29.67 -13.89
N SER A 232 2.06 30.92 -13.45
CA SER A 232 2.82 31.91 -14.18
C SER A 232 4.35 31.66 -14.12
N THR A 233 4.84 30.89 -13.14
CA THR A 233 6.26 30.53 -13.02
C THR A 233 6.63 29.36 -13.96
N VAL A 234 5.61 28.53 -14.35
CA VAL A 234 5.72 27.42 -15.29
C VAL A 234 6.06 28.04 -16.65
N THR A 235 7.14 27.56 -17.29
CA THR A 235 7.65 28.09 -18.54
C THR A 235 7.45 27.12 -19.69
N GLU A 236 7.86 27.52 -20.92
CA GLU A 236 7.79 26.64 -22.08
C GLU A 236 8.67 25.38 -21.89
N ASN A 237 9.86 25.52 -21.29
CA ASN A 237 10.73 24.36 -21.04
C ASN A 237 10.09 23.38 -20.08
N ASP A 238 9.41 23.92 -19.04
CA ASP A 238 8.70 23.14 -18.02
C ASP A 238 7.64 22.28 -18.63
N ILE A 239 6.79 22.89 -19.47
CA ILE A 239 5.72 22.22 -20.19
C ILE A 239 6.29 21.16 -21.19
N ARG A 240 7.40 21.49 -21.89
CA ARG A 240 8.07 20.55 -22.79
C ARG A 240 8.65 19.37 -22.04
N VAL A 241 9.31 19.64 -20.90
CA VAL A 241 9.88 18.67 -19.98
C VAL A 241 8.79 17.71 -19.48
N GLU A 242 7.58 18.21 -19.11
CA GLU A 242 6.47 17.36 -18.71
C GLU A 242 6.05 16.42 -19.84
N GLU A 243 5.99 16.92 -21.07
CA GLU A 243 5.61 16.13 -22.24
C GLU A 243 6.57 14.95 -22.36
N SER A 244 7.90 15.20 -22.19
CA SER A 244 8.93 14.17 -22.28
C SER A 244 8.79 13.10 -21.22
N ILE A 245 8.15 13.45 -20.08
CA ILE A 245 7.86 12.50 -19.01
C ILE A 245 6.67 11.66 -19.51
N TYR A 246 5.60 12.33 -20.00
CA TYR A 246 4.44 11.59 -20.53
C TYR A 246 4.86 10.65 -21.68
N GLN A 247 5.69 11.12 -22.59
CA GLN A 247 6.17 10.34 -23.74
C GLN A 247 7.04 9.14 -23.34
N CYS A 248 7.48 9.06 -22.07
CA CYS A 248 8.27 7.92 -21.59
C CYS A 248 7.40 6.67 -21.46
N CYS A 249 6.08 6.82 -21.20
CA CYS A 249 5.08 5.76 -21.09
C CYS A 249 5.05 4.94 -22.32
N ASP A 250 4.60 3.70 -22.20
CA ASP A 250 4.34 2.84 -23.33
C ASP A 250 2.93 3.28 -23.78
N LEU A 251 2.84 4.06 -24.84
CA LEU A 251 1.60 4.63 -25.36
C LEU A 251 1.25 4.13 -26.77
N ALA A 252 0.01 4.37 -27.18
CA ALA A 252 -0.46 4.06 -28.52
C ALA A 252 0.08 5.18 -29.41
N PRO A 253 0.43 4.91 -30.69
CA PRO A 253 0.90 6.00 -31.56
C PRO A 253 -0.10 7.16 -31.67
N GLU A 254 -1.42 6.86 -31.70
CA GLU A 254 -2.47 7.89 -31.72
C GLU A 254 -2.39 8.77 -30.45
N ALA A 255 -2.07 8.18 -29.26
CA ALA A 255 -1.93 8.94 -27.99
C ALA A 255 -0.65 9.79 -28.00
N ARG A 256 0.49 9.29 -28.57
CA ARG A 256 1.77 9.99 -28.70
C ARG A 256 1.57 11.26 -29.49
N GLN A 257 0.86 11.16 -30.63
CA GLN A 257 0.63 12.29 -31.51
C GLN A 257 -0.25 13.31 -30.85
N ALA A 258 -1.41 12.87 -30.32
CA ALA A 258 -2.37 13.73 -29.64
C ALA A 258 -1.76 14.44 -28.43
N ILE A 259 -0.86 13.78 -27.65
CA ILE A 259 -0.14 14.39 -26.51
C ILE A 259 0.81 15.46 -27.08
N LYS A 260 1.52 15.12 -28.19
CA LYS A 260 2.48 16.01 -28.87
C LYS A 260 1.78 17.26 -29.38
N SER A 261 0.61 17.05 -30.01
CA SER A 261 -0.23 18.10 -30.55
C SER A 261 -0.79 19.02 -29.45
N LEU A 262 -1.42 18.46 -28.41
CA LEU A 262 -1.97 19.21 -27.30
C LEU A 262 -0.89 20.04 -26.62
N THR A 263 0.33 19.53 -26.50
CA THR A 263 1.41 20.26 -25.87
C THR A 263 1.75 21.50 -26.67
N GLU A 264 2.13 21.33 -27.91
CA GLU A 264 2.52 22.40 -28.82
C GLU A 264 1.45 23.43 -29.04
N ARG A 265 0.21 22.98 -29.23
CA ARG A 265 -0.95 23.77 -29.60
C ARG A 265 -1.77 24.34 -28.44
N LEU A 266 -1.68 23.72 -27.24
CA LEU A 266 -2.47 24.19 -26.11
C LEU A 266 -1.62 24.39 -24.84
N TYR A 267 -0.89 23.33 -24.39
CA TYR A 267 -0.14 23.38 -23.14
C TYR A 267 1.02 24.40 -23.11
N ILE A 268 1.94 24.42 -24.11
CA ILE A 268 3.06 25.39 -24.09
C ILE A 268 2.53 26.84 -24.07
N GLY A 269 1.30 27.05 -24.52
CA GLY A 269 0.66 28.36 -24.57
C GLY A 269 -0.21 28.60 -25.77
N GLY A 270 -0.89 29.74 -25.77
CA GLY A 270 -1.77 30.13 -26.86
C GLY A 270 -2.57 31.41 -26.67
N PRO A 271 -3.45 31.75 -27.63
CA PRO A 271 -4.22 33.00 -27.49
C PRO A 271 -5.36 32.94 -26.48
N LEU A 272 -5.67 34.10 -25.88
CA LEU A 272 -6.72 34.29 -24.86
C LEU A 272 -7.89 35.05 -25.44
N THR A 273 -9.11 34.61 -25.11
CA THR A 273 -10.35 35.20 -25.61
C THR A 273 -11.38 35.30 -24.47
N ASN A 274 -12.10 36.45 -24.36
CA ASN A 274 -13.11 36.63 -23.30
C ASN A 274 -14.46 35.97 -23.66
N SER A 275 -15.48 36.14 -22.81
CA SER A 275 -16.81 35.57 -23.05
C SER A 275 -17.49 36.18 -24.29
N LYS A 276 -17.20 37.48 -24.56
CA LYS A 276 -17.70 38.28 -25.70
C LYS A 276 -16.97 37.88 -27.00
N GLY A 277 -15.81 37.23 -26.85
CA GLY A 277 -15.01 36.76 -27.97
C GLY A 277 -14.01 37.74 -28.52
N GLN A 278 -13.34 38.48 -27.64
CA GLN A 278 -12.31 39.45 -28.03
C GLN A 278 -10.96 38.92 -27.58
N ASN A 279 -9.94 39.15 -28.40
CA ASN A 279 -8.58 38.70 -28.09
C ASN A 279 -8.01 39.54 -26.93
N CYS A 280 -7.90 38.93 -25.72
CA CYS A 280 -7.35 39.60 -24.54
C CYS A 280 -5.84 39.55 -24.52
N GLY A 281 -5.27 38.71 -25.37
CA GLY A 281 -3.83 38.56 -25.46
C GLY A 281 -3.37 37.14 -25.68
N TYR A 282 -2.14 36.85 -25.26
CA TYR A 282 -1.47 35.57 -25.44
C TYR A 282 -0.92 35.00 -24.12
N ARG A 283 -1.03 33.68 -23.95
CA ARG A 283 -0.52 32.93 -22.81
C ARG A 283 0.75 32.15 -23.25
N ARG A 284 1.82 32.23 -22.46
CA ARG A 284 3.07 31.53 -22.76
C ARG A 284 3.50 30.73 -21.50
N CYS A 285 2.53 30.56 -20.57
CA CYS A 285 2.69 29.86 -19.30
C CYS A 285 1.58 28.79 -19.14
N ARG A 286 1.37 28.26 -17.92
CA ARG A 286 0.40 27.21 -17.63
C ARG A 286 -1.07 27.66 -17.68
N ALA A 287 -1.93 26.88 -18.39
CA ALA A 287 -3.36 27.15 -18.44
C ALA A 287 -3.94 26.60 -17.17
N SER A 288 -4.87 27.35 -16.55
CA SER A 288 -5.52 27.00 -15.28
C SER A 288 -6.52 25.85 -15.48
N GLY A 289 -7.20 25.83 -16.63
CA GLY A 289 -8.25 24.90 -16.94
C GLY A 289 -7.94 23.75 -17.87
N VAL A 290 -6.66 23.28 -17.92
CA VAL A 290 -6.31 22.09 -18.72
C VAL A 290 -6.23 20.84 -17.80
N LEU A 291 -6.50 19.62 -18.37
CA LEU A 291 -6.45 18.33 -17.68
C LEU A 291 -5.15 18.16 -16.89
N THR A 292 -4.05 18.45 -17.57
CA THR A 292 -2.68 18.36 -17.11
C THR A 292 -2.23 19.47 -16.10
N THR A 293 -3.11 20.38 -15.66
CA THR A 293 -2.74 21.44 -14.72
C THR A 293 -2.21 20.81 -13.42
N SER A 294 -3.07 20.11 -12.66
CA SER A 294 -2.78 19.42 -11.40
C SER A 294 -1.60 18.47 -11.51
N CYS A 295 -1.59 17.60 -12.53
CA CYS A 295 -0.52 16.62 -12.80
C CYS A 295 0.83 17.29 -13.17
N GLY A 296 0.78 18.22 -14.12
CA GLY A 296 1.94 18.97 -14.56
C GLY A 296 2.54 19.70 -13.38
N ASN A 297 1.74 20.55 -12.70
CA ASN A 297 2.24 21.30 -11.56
C ASN A 297 2.85 20.41 -10.51
N THR A 298 2.28 19.19 -10.29
CA THR A 298 2.81 18.22 -9.33
C THR A 298 4.18 17.71 -9.82
N LEU A 299 4.29 17.34 -11.08
CA LEU A 299 5.54 16.81 -11.59
C LEU A 299 6.64 17.87 -11.59
N THR A 300 6.32 19.10 -12.09
CA THR A 300 7.24 20.22 -12.17
C THR A 300 7.69 20.69 -10.78
N CYS A 301 6.74 20.81 -9.81
CA CYS A 301 7.04 21.20 -8.44
C CYS A 301 7.96 20.21 -7.77
N TYR A 302 7.69 18.90 -7.99
CA TYR A 302 8.48 17.78 -7.46
C TYR A 302 9.87 17.79 -8.07
N LEU A 303 9.96 17.98 -9.38
CA LEU A 303 11.24 18.03 -10.10
C LEU A 303 12.14 19.15 -9.57
N LYS A 304 11.60 20.39 -9.47
CA LYS A 304 12.35 21.56 -8.99
C LYS A 304 12.69 21.46 -7.53
N ALA A 305 11.74 20.93 -6.69
CA ALA A 305 11.93 20.78 -5.24
C ALA A 305 12.98 19.75 -4.99
N SER A 306 12.85 18.50 -5.59
CA SER A 306 13.81 17.40 -5.44
C SER A 306 15.25 17.85 -5.76
N ALA A 307 15.41 18.63 -6.85
CA ALA A 307 16.67 19.20 -7.32
C ALA A 307 17.23 20.29 -6.37
N ALA A 308 16.36 21.08 -5.73
CA ALA A 308 16.76 22.09 -4.77
C ALA A 308 17.27 21.44 -3.48
N CYS A 309 16.69 20.29 -3.07
CA CYS A 309 17.07 19.56 -1.87
C CYS A 309 18.51 19.16 -2.00
N ARG A 310 18.86 18.62 -3.18
CA ARG A 310 20.19 18.19 -3.55
C ARG A 310 21.11 19.39 -3.56
N ALA A 311 20.73 20.45 -4.27
CA ALA A 311 21.46 21.71 -4.34
C ALA A 311 21.80 22.22 -2.91
N ALA A 312 20.79 22.32 -2.03
CA ALA A 312 20.86 22.82 -0.65
C ALA A 312 21.54 21.87 0.35
N LYS A 313 21.74 20.62 -0.07
CA LYS A 313 22.31 19.55 0.73
C LYS A 313 21.41 19.25 1.97
N LEU A 314 20.07 19.19 1.75
CA LEU A 314 19.12 18.84 2.82
C LEU A 314 19.24 17.34 3.09
N GLN A 315 19.37 17.00 4.37
CA GLN A 315 19.56 15.63 4.81
C GLN A 315 18.26 14.83 4.84
N ASP A 316 18.24 13.68 4.12
CA ASP A 316 17.13 12.72 4.10
C ASP A 316 15.77 13.40 4.02
N CYS A 317 15.44 14.00 2.85
CA CYS A 317 14.19 14.74 2.68
C CYS A 317 13.11 13.96 1.97
N THR A 318 12.00 13.82 2.68
CA THR A 318 10.77 13.20 2.21
C THR A 318 9.88 14.38 1.90
N MET A 319 9.13 14.32 0.81
CA MET A 319 8.28 15.45 0.55
C MET A 319 6.91 15.08 0.08
N LEU A 320 6.01 16.07 0.13
CA LEU A 320 4.63 15.89 -0.29
C LEU A 320 4.27 17.01 -1.22
N VAL A 321 3.89 16.63 -2.43
CA VAL A 321 3.54 17.55 -3.49
C VAL A 321 2.04 17.36 -3.84
N ASN A 322 1.31 18.47 -3.87
CA ASN A 322 -0.10 18.48 -4.23
C ASN A 322 -0.24 19.67 -5.13
N GLY A 323 -0.15 19.46 -6.43
CA GLY A 323 -0.18 20.56 -7.39
C GLY A 323 1.02 21.46 -7.19
N ASP A 324 0.78 22.65 -6.64
CA ASP A 324 1.81 23.67 -6.40
C ASP A 324 2.19 23.75 -4.92
N ASP A 325 1.38 23.15 -4.05
CA ASP A 325 1.60 23.09 -2.62
C ASP A 325 2.63 22.01 -2.31
N LEU A 326 3.74 22.41 -1.70
CA LEU A 326 4.85 21.55 -1.35
C LEU A 326 5.20 21.60 0.13
N VAL A 327 5.47 20.43 0.73
CA VAL A 327 5.94 20.27 2.10
C VAL A 327 7.14 19.36 2.06
N VAL A 328 8.21 19.77 2.75
CA VAL A 328 9.47 19.03 2.87
C VAL A 328 9.72 18.73 4.36
N ILE A 329 9.82 17.45 4.69
CA ILE A 329 10.18 16.92 6.01
C ILE A 329 11.56 16.26 5.83
N CYS A 330 12.54 16.76 6.57
CA CYS A 330 13.92 16.27 6.50
C CYS A 330 14.59 16.13 7.87
N GLU A 331 15.78 15.49 7.89
CA GLU A 331 16.60 15.29 9.07
C GLU A 331 17.27 16.62 9.38
N SER A 332 17.03 17.14 10.58
CA SER A 332 17.61 18.40 11.02
C SER A 332 19.12 18.24 11.24
N ALA A 333 19.90 19.22 10.77
CA ALA A 333 21.36 19.28 10.89
C ALA A 333 21.73 20.28 11.99
N GLY A 334 20.71 20.85 12.62
CA GLY A 334 20.79 21.88 13.65
C GLY A 334 19.99 23.09 13.22
N VAL A 335 19.56 23.91 14.17
CA VAL A 335 18.72 25.08 13.91
C VAL A 335 19.41 26.10 12.97
N GLN A 336 20.68 26.41 13.21
CA GLN A 336 21.43 27.41 12.41
C GLN A 336 21.76 26.93 10.97
N GLU A 337 21.89 25.59 10.84
CA GLU A 337 22.19 24.77 9.68
C GLU A 337 20.93 24.64 8.81
N ASP A 338 19.79 24.28 9.44
CA ASP A 338 18.47 24.13 8.82
C ASP A 338 17.99 25.44 8.20
N ALA A 339 18.13 26.56 8.94
CA ALA A 339 17.74 27.87 8.50
C ALA A 339 18.60 28.31 7.34
N ALA A 340 19.91 27.92 7.33
CA ALA A 340 20.87 28.22 6.24
C ALA A 340 20.50 27.42 4.97
N SER A 341 20.41 26.09 5.12
CA SER A 341 20.01 25.09 4.14
C SER A 341 18.76 25.55 3.41
N LEU A 342 17.81 26.15 4.18
CA LEU A 342 16.54 26.65 3.69
C LEU A 342 16.69 27.79 2.72
N ARG A 343 17.57 28.76 3.00
CA ARG A 343 17.84 29.89 2.11
C ARG A 343 18.47 29.39 0.81
N ALA A 344 19.31 28.32 0.89
CA ALA A 344 19.91 27.67 -0.27
C ALA A 344 18.78 27.01 -1.06
N PHE A 345 17.83 26.32 -0.38
CA PHE A 345 16.71 25.69 -1.07
C PHE A 345 15.93 26.76 -1.88
N THR A 346 15.59 27.90 -1.25
CA THR A 346 14.88 29.02 -1.87
C THR A 346 15.67 29.57 -3.09
N GLU A 347 16.99 29.74 -2.93
CA GLU A 347 17.87 30.25 -3.98
C GLU A 347 17.88 29.31 -5.20
N ALA A 348 17.96 28.00 -4.95
CA ALA A 348 17.93 26.96 -5.97
C ALA A 348 16.58 26.99 -6.67
N MET A 349 15.49 27.03 -5.89
CA MET A 349 14.12 27.10 -6.38
C MET A 349 13.92 28.29 -7.28
N THR A 350 14.37 29.49 -6.84
CA THR A 350 14.27 30.76 -7.57
C THR A 350 14.88 30.63 -8.94
N ARG A 351 16.02 29.90 -9.05
CA ARG A 351 16.75 29.69 -10.32
C ARG A 351 15.99 28.82 -11.29
N TYR A 352 15.15 27.95 -10.76
CA TYR A 352 14.34 27.06 -11.57
C TYR A 352 13.06 27.76 -11.97
N SER A 353 12.97 29.07 -11.66
CA SER A 353 11.81 29.95 -11.87
C SER A 353 10.62 29.48 -11.06
N ALA A 354 10.80 29.47 -9.73
CA ALA A 354 9.75 29.12 -8.77
C ALA A 354 10.10 29.79 -7.42
N PRO A 355 10.11 31.15 -7.32
CA PRO A 355 10.46 31.77 -6.04
C PRO A 355 9.27 31.78 -5.07
N PRO A 356 9.46 31.99 -3.74
CA PRO A 356 8.28 31.96 -2.85
C PRO A 356 7.56 33.28 -2.71
N GLY A 357 6.33 33.23 -2.18
CA GLY A 357 5.54 34.42 -1.90
C GLY A 357 6.20 35.02 -0.68
N ASP A 358 5.97 34.38 0.47
CA ASP A 358 6.58 34.69 1.76
C ASP A 358 7.70 33.63 1.93
N PRO A 359 8.85 33.94 2.58
CA PRO A 359 9.93 32.94 2.64
C PRO A 359 9.63 31.72 3.52
N PRO A 360 10.17 30.51 3.16
CA PRO A 360 9.91 29.32 3.98
C PRO A 360 10.61 29.34 5.33
N GLN A 361 9.87 28.94 6.39
CA GLN A 361 10.33 28.90 7.78
C GLN A 361 10.52 27.46 8.20
N PRO A 362 11.68 27.08 8.81
CA PRO A 362 11.81 25.71 9.35
C PRO A 362 10.94 25.55 10.59
N GLU A 363 10.30 24.38 10.74
CA GLU A 363 9.38 24.06 11.84
C GLU A 363 9.82 22.77 12.53
N TYR A 364 9.72 22.72 13.88
CA TYR A 364 10.18 21.53 14.61
C TYR A 364 9.03 20.83 15.32
N ASP A 365 7.79 21.16 14.91
CA ASP A 365 6.53 20.60 15.41
C ASP A 365 5.59 20.48 14.22
N LEU A 366 5.20 19.21 13.88
CA LEU A 366 4.34 18.90 12.73
C LEU A 366 3.10 19.76 12.69
N GLU A 367 2.50 20.03 13.85
CA GLU A 367 1.33 20.87 14.05
C GLU A 367 1.53 22.35 13.62
N LEU A 368 2.77 22.79 13.26
CA LEU A 368 3.01 24.19 12.87
C LEU A 368 3.27 24.42 11.38
N ILE A 369 3.27 23.36 10.59
CA ILE A 369 3.41 23.48 9.15
C ILE A 369 1.98 23.69 8.58
N THR A 370 1.83 24.69 7.68
CA THR A 370 0.57 24.99 6.99
C THR A 370 0.76 24.83 5.48
N SER A 371 -0.05 23.94 4.86
CA SER A 371 -0.05 23.67 3.42
C SER A 371 -1.47 23.31 2.98
N CYS A 372 -1.92 23.86 1.84
CA CYS A 372 -3.28 23.73 1.28
C CYS A 372 -4.26 24.39 2.26
N SER A 373 -3.77 25.47 2.98
CA SER A 373 -4.46 26.27 4.02
C SER A 373 -4.72 25.48 5.33
N SER A 374 -4.23 24.22 5.35
CA SER A 374 -4.40 23.23 6.42
C SER A 374 -3.15 22.95 7.21
N ASN A 375 -3.33 22.30 8.36
CA ASN A 375 -2.33 21.86 9.33
C ASN A 375 -2.86 20.63 10.09
N VAL A 376 -1.98 19.89 10.74
CA VAL A 376 -2.33 18.70 11.53
C VAL A 376 -2.78 19.12 12.94
N SER A 377 -3.70 18.38 13.54
CA SER A 377 -4.11 18.62 14.93
C SER A 377 -4.37 17.30 15.69
N VAL A 378 -4.58 17.39 17.01
CA VAL A 378 -4.82 16.22 17.86
C VAL A 378 -6.16 16.39 18.62
N ALA A 379 -6.77 15.25 18.90
CA ALA A 379 -8.00 15.04 19.65
C ALA A 379 -7.87 13.58 20.12
N HIS A 380 -8.85 13.07 20.87
CA HIS A 380 -8.81 11.69 21.32
C HIS A 380 -10.09 10.96 20.91
N ASP A 381 -10.00 9.68 20.50
CA ASP A 381 -11.20 8.90 20.16
C ASP A 381 -11.94 8.50 21.43
N ALA A 382 -13.05 7.72 21.30
CA ALA A 382 -13.88 7.25 22.42
C ALA A 382 -13.05 6.65 23.58
N SER A 383 -12.06 5.79 23.24
CA SER A 383 -11.19 5.10 24.21
C SER A 383 -10.01 5.97 24.74
N GLY A 384 -10.05 7.28 24.48
CA GLY A 384 -9.03 8.22 24.95
C GLY A 384 -7.76 8.33 24.13
N LYS A 385 -7.59 7.47 23.12
CA LYS A 385 -6.42 7.42 22.25
C LYS A 385 -6.26 8.70 21.37
N ARG A 386 -5.04 9.29 21.38
CA ARG A 386 -4.66 10.45 20.54
C ARG A 386 -4.86 10.16 19.05
N VAL A 387 -5.67 10.97 18.36
CA VAL A 387 -5.97 10.83 16.94
C VAL A 387 -5.63 12.09 16.13
N TYR A 388 -4.74 11.92 15.11
CA TYR A 388 -4.30 12.99 14.21
C TYR A 388 -5.29 13.21 13.06
N TYR A 389 -5.69 14.48 12.85
CA TYR A 389 -6.59 14.87 11.76
C TYR A 389 -6.11 16.19 11.12
N LEU A 390 -6.48 16.44 9.85
CA LEU A 390 -6.15 17.71 9.22
C LEU A 390 -7.31 18.68 9.46
N THR A 391 -6.96 19.89 9.85
CA THR A 391 -7.89 20.99 10.11
C THR A 391 -7.45 22.24 9.33
N ARG A 392 -8.13 23.37 9.50
CA ARG A 392 -7.80 24.63 8.85
C ARG A 392 -8.52 25.78 9.56
N ASP A 393 -8.29 27.02 9.12
CA ASP A 393 -9.01 28.15 9.71
C ASP A 393 -10.42 28.13 9.14
N PRO A 394 -11.48 28.08 9.99
CA PRO A 394 -12.84 27.98 9.44
C PRO A 394 -13.39 29.25 8.75
N THR A 395 -12.63 30.36 8.73
CA THR A 395 -13.09 31.64 8.15
C THR A 395 -13.64 31.51 6.72
N THR A 396 -12.87 30.96 5.78
CA THR A 396 -13.34 30.83 4.39
C THR A 396 -14.44 29.76 4.27
N PRO A 397 -14.31 28.53 4.82
CA PRO A 397 -15.44 27.60 4.79
C PRO A 397 -16.77 28.17 5.33
N LEU A 398 -16.73 28.96 6.43
CA LEU A 398 -17.92 29.58 7.03
C LEU A 398 -18.52 30.73 6.21
N ALA A 399 -17.65 31.56 5.59
CA ALA A 399 -18.10 32.67 4.75
C ALA A 399 -18.76 32.15 3.47
N ARG A 400 -18.28 31.01 2.95
CA ARG A 400 -18.83 30.34 1.77
C ARG A 400 -20.14 29.64 2.09
N ALA A 401 -20.27 29.14 3.35
CA ALA A 401 -21.46 28.47 3.83
C ALA A 401 -22.59 29.47 3.96
N ALA A 402 -22.26 30.71 4.42
CA ALA A 402 -23.17 31.86 4.57
C ALA A 402 -23.65 32.27 3.19
N TRP A 403 -22.73 32.29 2.17
CA TRP A 403 -23.12 32.61 0.79
C TRP A 403 -24.05 31.54 0.23
N GLU A 404 -23.76 30.27 0.51
CA GLU A 404 -24.53 29.13 0.06
C GLU A 404 -25.83 28.92 0.85
N THR A 405 -26.00 29.65 1.97
CA THR A 405 -27.25 29.57 2.73
C THR A 405 -28.38 30.25 1.93
N ALA A 406 -28.07 31.38 1.22
CA ALA A 406 -29.02 32.22 0.47
C ALA A 406 -29.02 32.00 -1.05
N ARG A 407 -27.90 31.52 -1.62
CA ARG A 407 -27.76 31.26 -3.06
C ARG A 407 -27.38 29.83 -3.35
N HIS A 408 -28.17 29.16 -4.17
CA HIS A 408 -27.90 27.78 -4.60
C HIS A 408 -26.81 27.85 -5.68
N THR A 409 -25.67 27.21 -5.41
CA THR A 409 -24.46 27.30 -6.24
C THR A 409 -24.09 26.02 -7.02
N PRO A 410 -23.22 26.10 -8.07
CA PRO A 410 -22.81 24.86 -8.76
C PRO A 410 -21.78 24.03 -7.95
N VAL A 411 -21.15 24.68 -6.96
CA VAL A 411 -20.13 24.16 -6.03
C VAL A 411 -20.82 24.18 -4.67
N ASN A 412 -21.03 23.03 -4.01
CA ASN A 412 -21.66 23.07 -2.69
C ASN A 412 -20.54 23.04 -1.69
N SER A 413 -19.80 24.17 -1.59
CA SER A 413 -18.62 24.36 -0.72
C SER A 413 -18.73 23.62 0.61
N TRP A 414 -19.84 23.83 1.33
CA TRP A 414 -20.15 23.23 2.61
C TRP A 414 -20.11 21.71 2.64
N LEU A 415 -20.55 21.05 1.54
CA LEU A 415 -20.57 19.60 1.42
C LEU A 415 -19.14 19.09 1.19
N GLY A 416 -18.37 19.84 0.40
CA GLY A 416 -16.96 19.57 0.16
C GLY A 416 -16.22 19.66 1.48
N ASN A 417 -16.44 20.76 2.22
CA ASN A 417 -15.91 21.05 3.56
C ASN A 417 -16.22 19.94 4.57
N ILE A 418 -17.47 19.40 4.57
CA ILE A 418 -17.88 18.33 5.47
C ILE A 418 -17.14 17.03 5.13
N ILE A 419 -17.00 16.75 3.84
CA ILE A 419 -16.27 15.57 3.37
C ILE A 419 -14.75 15.68 3.66
N MET A 420 -14.14 16.86 3.42
CA MET A 420 -12.72 17.14 3.65
C MET A 420 -12.34 17.26 5.13
N TYR A 421 -13.25 17.85 5.96
CA TYR A 421 -12.99 18.14 7.37
C TYR A 421 -14.01 17.56 8.35
N ALA A 422 -14.52 16.34 8.10
CA ALA A 422 -15.45 15.70 9.05
C ALA A 422 -14.93 15.59 10.50
N PRO A 423 -13.64 15.24 10.79
CA PRO A 423 -13.23 15.12 12.22
C PRO A 423 -13.08 16.43 13.01
N THR A 424 -13.09 17.58 12.29
CA THR A 424 -12.90 18.91 12.88
C THR A 424 -14.12 19.36 13.68
N LEU A 425 -13.83 20.04 14.77
CA LEU A 425 -14.75 20.65 15.70
C LEU A 425 -15.87 21.43 14.93
N TRP A 426 -15.43 22.39 14.09
CA TRP A 426 -16.22 23.34 13.30
C TRP A 426 -17.05 22.70 12.19
N ALA A 427 -16.52 21.67 11.49
CA ALA A 427 -17.29 21.03 10.44
C ALA A 427 -18.42 20.26 11.06
N ARG A 428 -18.14 19.58 12.17
CA ARG A 428 -19.10 18.79 12.96
C ARG A 428 -20.17 19.64 13.60
N MET A 429 -19.77 20.59 14.47
CA MET A 429 -20.69 21.43 15.24
C MET A 429 -21.49 22.44 14.46
N ILE A 430 -20.91 23.05 13.39
CA ILE A 430 -21.54 24.14 12.63
C ILE A 430 -22.01 23.77 11.21
N LEU A 431 -21.14 23.22 10.38
CA LEU A 431 -21.52 22.92 9.00
C LEU A 431 -22.58 21.82 8.91
N MET A 432 -22.37 20.68 9.61
CA MET A 432 -23.31 19.56 9.66
C MET A 432 -24.67 19.99 10.23
N THR A 433 -24.64 20.63 11.42
CA THR A 433 -25.78 21.12 12.16
C THR A 433 -26.61 22.06 11.34
N HIS A 434 -25.96 23.10 10.76
CA HIS A 434 -26.68 24.10 9.96
C HIS A 434 -27.31 23.50 8.69
N PHE A 435 -26.52 22.77 7.91
CA PHE A 435 -26.98 22.25 6.66
C PHE A 435 -27.97 21.10 6.82
N PHE A 436 -27.87 20.24 7.85
CA PHE A 436 -28.91 19.24 8.05
C PHE A 436 -30.25 19.89 8.43
N SER A 437 -30.18 21.00 9.21
CA SER A 437 -31.36 21.76 9.57
C SER A 437 -32.06 22.25 8.27
N ILE A 438 -31.26 22.78 7.31
CA ILE A 438 -31.78 23.23 6.00
C ILE A 438 -32.41 22.06 5.21
N LEU A 439 -31.65 20.95 5.02
CA LEU A 439 -32.10 19.77 4.28
C LEU A 439 -33.44 19.23 4.79
N LEU A 440 -33.60 19.09 6.13
CA LEU A 440 -34.82 18.61 6.79
C LEU A 440 -36.03 19.48 6.46
N ALA A 441 -35.82 20.83 6.53
CA ALA A 441 -36.81 21.88 6.26
C ALA A 441 -37.31 21.79 4.85
N GLN A 442 -36.43 21.49 3.93
CA GLN A 442 -36.70 21.42 2.50
C GLN A 442 -37.00 20.01 1.98
N GLU A 443 -36.92 18.99 2.85
CA GLU A 443 -37.11 17.58 2.49
C GLU A 443 -36.11 17.16 1.37
N GLN A 444 -34.87 17.68 1.41
CA GLN A 444 -33.87 17.44 0.35
C GLN A 444 -32.65 16.62 0.78
N LEU A 445 -32.83 15.77 1.81
CA LEU A 445 -31.79 14.91 2.34
C LEU A 445 -31.38 13.88 1.28
N GLU A 446 -32.36 13.38 0.52
CA GLU A 446 -32.20 12.35 -0.52
C GLU A 446 -31.81 12.96 -1.89
N LYS A 447 -31.83 14.30 -2.02
CA LYS A 447 -31.50 14.98 -3.26
C LYS A 447 -29.98 15.10 -3.40
N ALA A 448 -29.41 14.48 -4.46
CA ALA A 448 -27.96 14.49 -4.74
C ALA A 448 -27.48 15.89 -5.10
N LEU A 449 -26.27 16.24 -4.64
CA LEU A 449 -25.67 17.53 -4.88
C LEU A 449 -24.30 17.42 -5.52
N ASP A 450 -24.10 18.18 -6.60
CA ASP A 450 -22.82 18.25 -7.29
C ASP A 450 -21.91 19.18 -6.44
N CYS A 451 -20.78 18.67 -5.96
CA CYS A 451 -19.88 19.49 -5.17
C CYS A 451 -18.44 19.42 -5.68
N GLN A 452 -17.85 20.59 -5.99
CA GLN A 452 -16.48 20.66 -6.50
C GLN A 452 -15.50 20.70 -5.35
N ILE A 453 -14.58 19.71 -5.35
CA ILE A 453 -13.54 19.55 -4.34
C ILE A 453 -12.19 19.65 -5.05
N TYR A 454 -11.41 20.71 -4.72
CA TYR A 454 -10.03 21.04 -5.15
C TYR A 454 -9.64 20.54 -6.56
N GLY A 455 -10.61 20.57 -7.48
CA GLY A 455 -10.44 20.08 -8.85
C GLY A 455 -11.70 19.50 -9.46
N ALA A 456 -11.90 18.19 -9.32
CA ALA A 456 -13.03 17.43 -9.87
C ALA A 456 -14.42 17.73 -9.23
N CYS A 457 -15.48 17.21 -9.87
CA CYS A 457 -16.85 17.36 -9.44
C CYS A 457 -17.44 16.01 -9.02
N TYR A 458 -18.12 15.99 -7.87
CA TYR A 458 -18.71 14.79 -7.29
C TYR A 458 -20.20 14.95 -7.05
N SER A 459 -20.99 13.95 -7.45
CA SER A 459 -22.42 13.93 -7.18
C SER A 459 -22.60 13.15 -5.88
N ILE A 460 -22.93 13.85 -4.78
CA ILE A 460 -23.08 13.25 -3.45
C ILE A 460 -24.48 13.43 -2.86
N GLU A 461 -25.08 12.32 -2.36
CA GLU A 461 -26.37 12.39 -1.68
C GLU A 461 -26.05 12.62 -0.21
N PRO A 462 -26.52 13.73 0.41
CA PRO A 462 -26.18 13.99 1.82
C PRO A 462 -26.35 12.82 2.78
N LEU A 463 -27.41 11.99 2.56
CA LEU A 463 -27.70 10.78 3.37
C LEU A 463 -26.53 9.80 3.43
N ASP A 464 -25.58 9.92 2.47
CA ASP A 464 -24.40 9.07 2.33
C ASP A 464 -23.19 9.57 3.11
N LEU A 465 -23.27 10.76 3.72
CA LEU A 465 -22.19 11.33 4.50
C LEU A 465 -21.66 10.40 5.62
N PRO A 466 -22.45 9.69 6.43
CA PRO A 466 -21.84 8.81 7.43
C PRO A 466 -20.91 7.74 6.82
N GLN A 467 -21.37 7.02 5.78
CA GLN A 467 -20.58 5.98 5.11
C GLN A 467 -19.39 6.55 4.34
N ILE A 468 -19.53 7.76 3.74
CA ILE A 468 -18.47 8.46 3.02
C ILE A 468 -17.37 8.81 3.99
N ILE A 469 -17.75 9.49 5.10
CA ILE A 469 -16.83 9.91 6.17
C ILE A 469 -16.01 8.73 6.74
N GLU A 470 -16.68 7.60 7.10
CA GLU A 470 -16.03 6.41 7.67
C GLU A 470 -14.91 5.88 6.76
N ARG A 471 -15.11 5.91 5.44
CA ARG A 471 -14.15 5.42 4.49
C ARG A 471 -13.03 6.41 4.17
N LEU A 472 -13.22 7.70 4.50
CA LEU A 472 -12.24 8.77 4.28
C LEU A 472 -11.48 9.20 5.56
N HIS A 473 -12.06 8.95 6.75
CA HIS A 473 -11.48 9.35 8.03
C HIS A 473 -11.48 8.24 9.12
N GLY A 474 -12.41 7.29 9.02
CA GLY A 474 -12.60 6.22 10.00
C GLY A 474 -13.75 6.49 10.95
N LEU A 475 -14.00 5.59 11.91
CA LEU A 475 -15.06 5.80 12.90
C LEU A 475 -14.66 6.89 13.90
N SER A 476 -13.34 7.17 14.01
CA SER A 476 -12.75 8.19 14.88
C SER A 476 -13.47 9.55 14.75
N ALA A 477 -13.78 9.94 13.49
CA ALA A 477 -14.42 11.21 13.12
C ALA A 477 -15.75 11.46 13.85
N PHE A 478 -16.50 10.39 14.12
CA PHE A 478 -17.79 10.44 14.82
C PHE A 478 -17.64 10.37 16.31
N SER A 479 -16.42 10.03 16.81
CA SER A 479 -16.09 9.85 18.25
C SER A 479 -15.10 10.86 18.86
N LEU A 480 -14.47 11.76 18.04
CA LEU A 480 -13.47 12.70 18.54
C LEU A 480 -14.01 13.69 19.55
N HIS A 481 -13.18 14.02 20.53
CA HIS A 481 -13.39 14.97 21.61
C HIS A 481 -12.00 15.40 22.16
N SER A 482 -11.96 16.29 23.16
CA SER A 482 -10.73 16.79 23.78
C SER A 482 -9.76 17.40 22.76
N TYR A 483 -10.30 18.25 21.88
CA TYR A 483 -9.56 19.01 20.87
C TYR A 483 -8.52 19.90 21.55
N SER A 484 -7.45 20.26 20.83
CA SER A 484 -6.39 21.13 21.32
C SER A 484 -6.94 22.52 21.71
N PRO A 485 -6.42 23.17 22.78
CA PRO A 485 -6.94 24.50 23.14
C PRO A 485 -6.70 25.50 22.02
N GLY A 486 -5.57 25.35 21.34
CA GLY A 486 -5.20 26.20 20.22
C GLY A 486 -6.20 26.17 19.09
N GLU A 487 -6.73 24.96 18.78
CA GLU A 487 -7.76 24.74 17.76
C GLU A 487 -9.06 25.38 18.21
N ILE A 488 -9.53 25.01 19.40
CA ILE A 488 -10.73 25.55 20.04
C ILE A 488 -10.73 27.11 20.00
N ASN A 489 -9.58 27.75 20.30
CA ASN A 489 -9.45 29.21 20.28
C ASN A 489 -9.47 29.78 18.87
N ARG A 490 -8.86 29.09 17.89
CA ARG A 490 -8.85 29.54 16.50
C ARG A 490 -10.31 29.65 15.99
N VAL A 491 -11.11 28.61 16.30
CA VAL A 491 -12.52 28.47 15.94
C VAL A 491 -13.36 29.52 16.65
N ALA A 492 -13.24 29.63 17.99
CA ALA A 492 -14.01 30.59 18.78
C ALA A 492 -13.75 32.05 18.39
N SER A 493 -12.53 32.38 17.92
CA SER A 493 -12.19 33.74 17.49
C SER A 493 -12.79 34.02 16.13
N CYS A 494 -12.77 33.00 15.26
CA CYS A 494 -13.33 33.05 13.93
C CYS A 494 -14.84 33.34 14.04
N LEU A 495 -15.55 32.63 14.96
CA LEU A 495 -17.00 32.80 15.18
C LEU A 495 -17.32 34.20 15.66
N ARG A 496 -16.44 34.79 16.51
CA ARG A 496 -16.61 36.16 17.01
C ARG A 496 -16.42 37.11 15.83
N LYS A 497 -15.35 36.93 15.02
CA LYS A 497 -15.01 37.74 13.84
C LYS A 497 -16.17 37.87 12.85
N LEU A 498 -16.78 36.72 12.48
CA LEU A 498 -17.87 36.59 11.52
C LEU A 498 -19.27 36.80 12.11
N GLY A 499 -19.39 36.82 13.44
CA GLY A 499 -20.67 37.00 14.12
C GLY A 499 -21.52 35.75 14.10
N VAL A 500 -20.85 34.59 14.05
CA VAL A 500 -21.43 33.25 14.04
C VAL A 500 -21.84 32.95 15.49
N PRO A 501 -23.04 32.34 15.76
CA PRO A 501 -23.39 32.04 17.18
C PRO A 501 -22.34 31.17 17.88
N PRO A 502 -22.19 31.28 19.22
CA PRO A 502 -21.15 30.49 19.92
C PRO A 502 -21.40 28.99 19.83
N LEU A 503 -20.32 28.17 19.91
CA LEU A 503 -20.39 26.71 19.81
C LEU A 503 -21.48 26.09 20.71
N ARG A 504 -21.74 26.69 21.88
CA ARG A 504 -22.76 26.26 22.84
C ARG A 504 -24.15 26.27 22.22
N VAL A 505 -24.41 27.23 21.28
CA VAL A 505 -25.70 27.38 20.58
C VAL A 505 -25.87 26.21 19.60
N TRP A 506 -24.76 25.85 18.91
CA TRP A 506 -24.70 24.78 17.92
C TRP A 506 -24.94 23.42 18.53
N ARG A 507 -24.47 23.16 19.78
CA ARG A 507 -24.69 21.87 20.46
C ARG A 507 -26.18 21.69 20.77
N HIS A 508 -26.86 22.80 21.14
CA HIS A 508 -28.29 22.74 21.43
CA HIS A 508 -28.30 22.83 21.44
C HIS A 508 -29.09 22.51 20.16
N ARG A 509 -28.83 23.29 19.08
CA ARG A 509 -29.49 23.10 17.78
C ARG A 509 -29.26 21.66 17.28
N ALA A 510 -28.00 21.12 17.36
CA ALA A 510 -27.65 19.76 16.90
C ALA A 510 -28.45 18.65 17.57
N ARG A 511 -28.78 18.82 18.87
CA ARG A 511 -29.63 17.91 19.67
C ARG A 511 -31.00 17.79 18.99
N SER A 512 -31.53 18.94 18.49
CA SER A 512 -32.81 19.04 17.79
C SER A 512 -32.74 18.40 16.44
N VAL A 513 -31.74 18.79 15.58
CA VAL A 513 -31.56 18.22 14.23
C VAL A 513 -31.38 16.70 14.36
N ARG A 514 -30.63 16.26 15.39
CA ARG A 514 -30.40 14.85 15.68
C ARG A 514 -31.70 14.13 15.93
N ALA A 515 -32.53 14.68 16.85
CA ALA A 515 -33.83 14.13 17.21
C ALA A 515 -34.73 14.04 15.98
N ARG A 516 -34.75 15.12 15.17
CA ARG A 516 -35.51 15.24 13.93
C ARG A 516 -35.11 14.17 12.88
N LEU A 517 -33.79 13.90 12.75
CA LEU A 517 -33.23 12.88 11.86
C LEU A 517 -33.56 11.46 12.32
N LEU A 518 -33.53 11.21 13.65
CA LEU A 518 -33.82 9.89 14.23
C LEU A 518 -35.30 9.52 14.06
N SER A 519 -36.19 10.51 14.24
CA SER A 519 -37.62 10.31 14.08
C SER A 519 -38.00 9.97 12.64
N GLN A 520 -37.10 10.32 11.66
CA GLN A 520 -37.24 10.04 10.21
C GLN A 520 -36.95 8.58 9.84
N GLY A 521 -36.26 7.84 10.74
CA GLY A 521 -35.87 6.45 10.55
C GLY A 521 -34.88 6.25 9.40
N GLY A 522 -34.46 4.99 9.21
CA GLY A 522 -33.54 4.59 8.14
C GLY A 522 -32.27 5.39 8.05
N ARG A 523 -31.84 5.70 6.80
CA ARG A 523 -30.63 6.46 6.47
C ARG A 523 -30.52 7.80 7.22
N ALA A 524 -31.65 8.51 7.41
CA ALA A 524 -31.67 9.77 8.12
C ALA A 524 -31.32 9.59 9.57
N ALA A 525 -31.80 8.49 10.20
CA ALA A 525 -31.54 8.14 11.60
C ALA A 525 -30.08 7.69 11.76
N THR A 526 -29.48 7.10 10.69
CA THR A 526 -28.07 6.70 10.59
C THR A 526 -27.23 8.00 10.56
N CYS A 527 -27.72 9.07 9.86
CA CYS A 527 -27.12 10.41 9.81
C CYS A 527 -27.24 11.06 11.22
N GLY A 528 -28.39 10.87 11.88
CA GLY A 528 -28.64 11.36 13.23
C GLY A 528 -27.71 10.74 14.25
N LYS A 529 -27.76 9.39 14.38
CA LYS A 529 -26.98 8.51 15.27
C LYS A 529 -25.46 8.75 15.23
N TYR A 530 -24.84 8.84 13.99
CA TYR A 530 -23.39 8.97 13.74
C TYR A 530 -22.81 10.38 13.64
N LEU A 531 -23.48 11.30 12.91
CA LEU A 531 -22.98 12.68 12.72
C LEU A 531 -23.25 13.57 13.91
N PHE A 532 -24.28 13.26 14.71
CA PHE A 532 -24.65 14.12 15.83
C PHE A 532 -24.52 13.43 17.18
N ASN A 533 -23.70 12.36 17.24
CA ASN A 533 -23.43 11.61 18.46
C ASN A 533 -22.58 12.40 19.46
N TRP A 534 -21.87 13.42 19.00
CA TRP A 534 -21.06 14.28 19.86
C TRP A 534 -21.99 15.21 20.67
N ALA A 535 -23.19 15.57 20.11
CA ALA A 535 -24.13 16.50 20.70
C ALA A 535 -24.80 15.99 21.97
N VAL A 536 -24.97 14.67 22.08
CA VAL A 536 -25.60 14.05 23.25
C VAL A 536 -24.61 13.85 24.39
N LYS A 537 -25.13 13.89 25.63
CA LYS A 537 -24.40 13.61 26.87
C LYS A 537 -24.41 12.07 27.03
N THR A 538 -25.62 11.47 26.90
CA THR A 538 -25.88 10.04 26.95
C THR A 538 -25.54 9.47 25.57
N LYS A 539 -24.22 9.41 25.26
CA LYS A 539 -23.66 8.95 24.00
C LYS A 539 -24.03 7.50 23.69
N LEU A 540 -23.80 7.08 22.43
CA LEU A 540 -24.00 5.71 21.96
C LEU A 540 -22.68 5.15 21.46
N LYS A 541 -22.38 3.85 21.71
CA LYS A 541 -21.15 3.25 21.19
C LYS A 541 -21.38 2.76 19.75
N LEU A 542 -20.80 3.52 18.79
CA LEU A 542 -20.92 3.31 17.34
C LEU A 542 -20.15 2.11 16.81
N THR A 543 -20.70 1.50 15.76
CA THR A 543 -20.16 0.34 15.06
C THR A 543 -19.85 0.77 13.64
N PRO A 544 -19.05 0.01 12.84
CA PRO A 544 -18.85 0.41 11.45
C PRO A 544 -20.16 0.18 10.68
N ILE A 545 -20.43 1.04 9.69
CA ILE A 545 -21.64 1.04 8.86
C ILE A 545 -21.55 -0.04 7.76
N PRO A 546 -22.54 -0.96 7.66
CA PRO A 546 -22.49 -2.01 6.61
C PRO A 546 -22.26 -1.51 5.18
N ALA A 547 -23.00 -0.45 4.78
CA ALA A 547 -22.97 0.15 3.45
C ALA A 547 -21.64 0.80 3.05
N ALA A 548 -20.81 1.23 4.03
CA ALA A 548 -19.54 1.93 3.78
C ALA A 548 -18.59 1.19 2.83
N SER A 549 -18.31 -0.11 3.11
CA SER A 549 -17.44 -1.00 2.34
C SER A 549 -17.95 -1.26 0.90
N GLN A 550 -19.28 -1.12 0.69
CA GLN A 550 -19.99 -1.31 -0.58
C GLN A 550 -19.95 -0.06 -1.50
N LEU A 551 -19.49 1.10 -0.96
CA LEU A 551 -19.38 2.34 -1.74
C LEU A 551 -18.14 2.29 -2.64
N ASP A 552 -18.35 2.56 -3.95
CA ASP A 552 -17.30 2.54 -4.97
C ASP A 552 -16.54 3.87 -5.03
N LEU A 553 -15.44 3.96 -4.25
CA LEU A 553 -14.63 5.17 -4.20
C LEU A 553 -13.39 5.08 -5.11
N SER A 554 -13.45 4.20 -6.12
CA SER A 554 -12.40 4.01 -7.14
C SER A 554 -12.47 5.20 -8.09
N GLY A 555 -11.31 5.83 -8.32
CA GLY A 555 -11.21 6.98 -9.19
C GLY A 555 -11.34 8.31 -8.46
N TRP A 556 -11.57 8.27 -7.15
CA TRP A 556 -11.69 9.48 -6.34
C TRP A 556 -10.29 10.05 -6.07
N PHE A 557 -9.49 9.23 -5.37
CA PHE A 557 -8.13 9.52 -4.91
C PHE A 557 -7.05 8.82 -5.70
N VAL A 558 -7.30 8.51 -6.97
CA VAL A 558 -6.23 7.92 -7.78
C VAL A 558 -5.36 9.11 -8.23
N ALA A 559 -6.01 10.30 -8.37
CA ALA A 559 -5.42 11.57 -8.77
C ALA A 559 -6.36 12.78 -8.54
N GLY A 560 -5.81 13.97 -8.78
CA GLY A 560 -6.48 15.26 -8.73
C GLY A 560 -6.62 15.80 -10.14
N TYR A 561 -7.68 16.59 -10.40
CA TYR A 561 -8.00 17.10 -11.75
C TYR A 561 -8.48 18.56 -11.74
N SER A 562 -7.56 19.54 -11.47
CA SER A 562 -7.79 20.99 -11.36
C SER A 562 -8.81 21.57 -12.37
N GLY A 563 -8.35 21.89 -13.56
CA GLY A 563 -9.24 22.32 -14.64
C GLY A 563 -9.58 21.09 -15.44
N GLY A 564 -9.29 19.93 -14.82
CA GLY A 564 -9.46 18.57 -15.33
C GLY A 564 -10.79 18.31 -15.98
N ASP A 565 -11.87 18.93 -15.41
CA ASP A 565 -13.25 18.82 -15.90
C ASP A 565 -13.60 17.33 -15.75
N ILE A 566 -13.39 16.75 -14.55
CA ILE A 566 -13.65 15.32 -14.29
C ILE A 566 -14.86 15.16 -13.37
N TYR A 567 -15.73 14.19 -13.69
CA TYR A 567 -16.95 13.94 -12.96
C TYR A 567 -17.04 12.52 -12.41
N HIS A 568 -17.55 12.40 -11.16
CA HIS A 568 -17.76 11.13 -10.45
C HIS A 568 -19.18 11.09 -9.88
N SER A 569 -19.78 9.89 -9.85
CA SER A 569 -21.14 9.68 -9.32
C SER A 569 -21.21 8.42 -8.47
N LEU A 570 -22.29 8.25 -7.68
CA LEU A 570 -22.46 7.05 -6.86
C LEU A 570 -23.61 6.17 -7.35
N HIS B 7 -16.63 -29.63 19.62
CA HIS B 7 -15.16 -29.64 19.48
C HIS B 7 -14.70 -29.06 18.13
N HIS B 8 -15.44 -28.07 17.60
CA HIS B 8 -15.15 -27.41 16.31
C HIS B 8 -13.90 -26.55 16.32
N SER B 9 -13.28 -26.43 15.16
CA SER B 9 -12.04 -25.68 15.00
C SER B 9 -12.26 -24.20 15.14
N TYR B 10 -13.46 -23.74 14.72
CA TYR B 10 -13.90 -22.35 14.75
C TYR B 10 -15.39 -22.21 15.06
N THR B 11 -15.75 -21.06 15.64
CA THR B 11 -17.11 -20.61 15.92
C THR B 11 -17.17 -19.27 15.19
N TRP B 12 -18.33 -18.94 14.58
CA TRP B 12 -18.49 -17.69 13.83
C TRP B 12 -19.77 -17.00 14.22
N THR B 13 -19.85 -15.69 13.95
CA THR B 13 -20.99 -14.86 14.28
C THR B 13 -21.78 -14.53 13.03
N GLY B 14 -21.06 -14.18 11.96
CA GLY B 14 -21.66 -13.78 10.69
C GLY B 14 -21.00 -12.52 10.18
N ALA B 15 -20.24 -11.81 11.05
CA ALA B 15 -19.49 -10.61 10.70
C ALA B 15 -18.39 -11.03 9.74
N LEU B 16 -18.36 -10.41 8.56
CA LEU B 16 -17.40 -10.73 7.49
C LEU B 16 -15.97 -10.43 7.88
N ILE B 17 -14.99 -11.09 7.22
CA ILE B 17 -13.56 -10.79 7.41
C ILE B 17 -13.31 -9.63 6.44
N THR B 18 -13.08 -8.45 7.01
CA THR B 18 -12.96 -7.18 6.28
C THR B 18 -11.50 -6.78 5.97
N PRO B 19 -11.20 -6.22 4.77
CA PRO B 19 -9.82 -5.80 4.50
C PRO B 19 -9.44 -4.52 5.22
N CYS B 20 -8.13 -4.33 5.41
CA CYS B 20 -7.53 -3.15 6.06
C CYS B 20 -7.24 -2.09 5.01
N ALA B 21 -7.24 -2.49 3.72
CA ALA B 21 -7.01 -1.61 2.57
C ALA B 21 -7.87 -2.04 1.35
N ALA B 22 -7.60 -1.45 0.17
CA ALA B 22 -8.32 -1.78 -1.07
C ALA B 22 -7.57 -2.93 -1.71
N GLU B 23 -8.32 -3.92 -2.22
CA GLU B 23 -7.74 -5.15 -2.78
C GLU B 23 -7.88 -5.28 -4.29
N GLU B 24 -6.73 -5.43 -4.98
CA GLU B 24 -6.65 -5.63 -6.42
C GLU B 24 -6.65 -7.14 -6.71
N SER B 25 -7.69 -7.63 -7.37
CA SER B 25 -7.79 -9.04 -7.75
C SER B 25 -7.08 -9.32 -9.10
N LYS B 26 -7.40 -8.50 -10.15
CA LYS B 26 -6.85 -8.59 -11.50
C LYS B 26 -5.42 -8.08 -11.56
N LEU B 27 -4.52 -8.84 -12.25
CA LEU B 27 -3.09 -8.55 -12.44
C LEU B 27 -2.77 -7.16 -13.04
N PRO B 28 -1.95 -6.34 -12.32
CA PRO B 28 -1.60 -5.00 -12.84
C PRO B 28 -0.67 -5.04 -14.05
N ILE B 29 -0.94 -4.17 -15.05
CA ILE B 29 -0.19 -4.15 -16.29
C ILE B 29 0.68 -2.91 -16.43
N ASN B 30 1.96 -3.18 -16.55
CA ASN B 30 3.10 -2.29 -16.68
C ASN B 30 3.48 -2.26 -18.13
N PRO B 31 4.58 -1.56 -18.45
CA PRO B 31 5.19 -1.51 -19.77
C PRO B 31 6.15 -2.72 -19.84
N LEU B 32 6.50 -3.31 -18.65
CA LEU B 32 7.45 -4.43 -18.53
C LEU B 32 6.80 -5.81 -18.42
N SER B 33 5.50 -5.86 -18.10
CA SER B 33 4.75 -7.12 -17.87
C SER B 33 4.70 -8.05 -19.08
N ASN B 34 4.42 -7.53 -20.27
CA ASN B 34 4.35 -8.33 -21.51
C ASN B 34 5.69 -8.98 -21.91
N SER B 35 6.84 -8.45 -21.42
CA SER B 35 8.18 -8.99 -21.65
C SER B 35 8.45 -10.21 -20.76
N LEU B 36 7.57 -10.44 -19.76
CA LEU B 36 7.65 -11.57 -18.85
C LEU B 36 6.48 -12.54 -19.06
N LEU B 37 5.23 -12.06 -19.08
CA LEU B 37 4.06 -12.93 -19.13
C LEU B 37 2.98 -12.34 -20.04
N ARG B 38 2.60 -13.06 -21.10
CA ARG B 38 1.58 -12.56 -22.02
C ARG B 38 0.15 -12.94 -21.63
N HIS B 39 -0.06 -14.16 -21.05
CA HIS B 39 -1.39 -14.64 -20.64
C HIS B 39 -1.77 -14.12 -19.24
N HIS B 40 -2.14 -12.83 -19.18
CA HIS B 40 -2.49 -12.05 -17.99
C HIS B 40 -3.73 -12.52 -17.26
N ASN B 41 -4.72 -13.04 -18.00
CA ASN B 41 -6.02 -13.49 -17.47
C ASN B 41 -5.92 -14.79 -16.66
N MET B 42 -4.69 -15.31 -16.50
CA MET B 42 -4.39 -16.53 -15.76
C MET B 42 -3.83 -16.25 -14.38
N VAL B 43 -3.33 -15.02 -14.15
CA VAL B 43 -2.77 -14.54 -12.88
C VAL B 43 -3.83 -13.73 -12.14
N TYR B 44 -4.13 -14.12 -10.89
CA TYR B 44 -5.10 -13.45 -10.02
C TYR B 44 -4.54 -13.30 -8.60
N ALA B 45 -5.15 -12.44 -7.78
CA ALA B 45 -4.80 -12.35 -6.37
C ALA B 45 -6.07 -12.62 -5.57
N THR B 46 -5.92 -13.36 -4.44
CA THR B 46 -7.04 -13.68 -3.55
C THR B 46 -7.38 -12.43 -2.72
N THR B 47 -8.69 -12.08 -2.65
CA THR B 47 -9.15 -10.91 -1.90
C THR B 47 -9.94 -11.34 -0.67
N SER B 48 -10.31 -10.38 0.20
CA SER B 48 -11.14 -10.68 1.36
C SER B 48 -12.51 -11.23 0.95
N ARG B 49 -12.92 -11.04 -0.34
CA ARG B 49 -14.17 -11.55 -0.93
C ARG B 49 -14.27 -13.07 -0.83
N SER B 50 -13.09 -13.73 -0.84
CA SER B 50 -12.89 -15.18 -0.80
C SER B 50 -13.00 -15.83 0.59
N ALA B 51 -12.87 -15.00 1.69
CA ALA B 51 -12.82 -15.40 3.11
C ALA B 51 -13.88 -16.38 3.52
N SER B 52 -15.16 -16.07 3.22
CA SER B 52 -16.30 -16.92 3.52
C SER B 52 -16.14 -18.38 3.10
N LEU B 53 -15.46 -18.61 1.97
CA LEU B 53 -15.21 -19.94 1.44
C LEU B 53 -14.18 -20.68 2.30
N ARG B 54 -13.10 -19.99 2.76
CA ARG B 54 -12.06 -20.56 3.63
C ARG B 54 -12.65 -20.85 4.99
N GLN B 55 -13.51 -19.94 5.52
CA GLN B 55 -14.24 -20.07 6.78
C GLN B 55 -14.91 -21.45 6.87
N LYS B 56 -15.60 -21.87 5.76
CA LYS B 56 -16.27 -23.16 5.63
C LYS B 56 -15.23 -24.29 5.72
N LYS B 57 -14.21 -24.30 4.84
CA LYS B 57 -13.10 -25.28 4.78
C LYS B 57 -12.38 -25.52 6.13
N VAL B 58 -11.97 -24.45 6.81
CA VAL B 58 -11.21 -24.46 8.06
C VAL B 58 -12.07 -24.74 9.32
N THR B 59 -13.42 -24.83 9.17
CA THR B 59 -14.31 -25.10 10.29
C THR B 59 -14.91 -26.51 10.22
N PHE B 60 -14.40 -27.38 11.09
CA PHE B 60 -14.81 -28.77 11.26
C PHE B 60 -14.55 -29.23 12.70
N ASP B 61 -15.20 -30.35 13.10
CA ASP B 61 -15.05 -30.94 14.42
C ASP B 61 -13.85 -31.86 14.44
N ARG B 62 -13.16 -31.92 15.59
CA ARG B 62 -11.96 -32.74 15.71
C ARG B 62 -12.10 -33.73 16.84
N LEU B 63 -11.92 -35.01 16.51
CA LEU B 63 -11.98 -36.13 17.45
C LEU B 63 -10.57 -36.73 17.54
N GLN B 64 -10.07 -36.83 18.78
CA GLN B 64 -8.73 -37.35 19.06
C GLN B 64 -8.81 -38.58 19.93
N VAL B 65 -8.10 -39.63 19.50
CA VAL B 65 -8.02 -40.93 20.19
C VAL B 65 -6.51 -41.17 20.36
N LEU B 66 -5.99 -40.91 21.56
CA LEU B 66 -4.55 -41.02 21.80
C LEU B 66 -4.16 -42.36 22.41
N ASP B 67 -3.31 -43.08 21.70
CA ASP B 67 -2.86 -44.39 22.15
C ASP B 67 -1.46 -44.36 22.77
N ASP B 68 -0.95 -45.55 23.14
CA ASP B 68 0.35 -45.74 23.76
C ASP B 68 1.51 -45.29 22.91
N HIS B 69 1.43 -45.37 21.56
CA HIS B 69 2.52 -44.89 20.69
C HIS B 69 2.70 -43.39 20.77
N TYR B 70 1.61 -42.67 20.99
CA TYR B 70 1.57 -41.21 21.12
C TYR B 70 2.33 -40.76 22.38
N ARG B 71 1.97 -41.30 23.56
CA ARG B 71 2.62 -40.98 24.84
C ARG B 71 4.06 -41.50 24.92
N ASP B 72 4.37 -42.65 24.25
CA ASP B 72 5.74 -43.21 24.20
C ASP B 72 6.66 -42.23 23.50
N VAL B 73 6.24 -41.70 22.34
CA VAL B 73 6.97 -40.70 21.57
C VAL B 73 7.06 -39.40 22.36
N LEU B 74 5.93 -38.92 22.97
CA LEU B 74 5.88 -37.69 23.76
C LEU B 74 6.87 -37.76 24.91
N LYS B 75 6.90 -38.90 25.66
CA LYS B 75 7.87 -39.14 26.75
C LYS B 75 9.29 -38.89 26.29
N GLU B 76 9.63 -39.35 25.06
CA GLU B 76 10.95 -39.20 24.46
C GLU B 76 11.27 -37.77 24.07
N MET B 77 10.29 -37.08 23.45
CA MET B 77 10.45 -35.68 23.01
C MET B 77 10.76 -34.78 24.21
N LYS B 78 10.07 -35.03 25.35
CA LYS B 78 10.20 -34.33 26.64
C LYS B 78 11.54 -34.63 27.29
N ALA B 79 12.10 -35.84 27.04
CA ALA B 79 13.40 -36.23 27.60
C ALA B 79 14.47 -35.39 26.96
N LYS B 80 14.34 -35.14 25.64
CA LYS B 80 15.29 -34.32 24.94
C LYS B 80 15.09 -32.84 25.33
N ALA B 81 13.84 -32.38 25.38
CA ALA B 81 13.46 -31.01 25.76
C ALA B 81 14.01 -30.61 27.12
N SER B 82 14.06 -31.56 28.09
CA SER B 82 14.55 -31.36 29.47
C SER B 82 16.02 -30.92 29.54
N THR B 83 16.79 -31.12 28.44
CA THR B 83 18.20 -30.73 28.31
C THR B 83 18.38 -29.29 27.75
N VAL B 84 17.31 -28.72 27.21
CA VAL B 84 17.33 -27.38 26.64
C VAL B 84 17.31 -26.30 27.76
N LYS B 85 18.20 -25.31 27.67
CA LYS B 85 18.21 -24.13 28.53
C LYS B 85 17.88 -22.98 27.58
N ALA B 86 16.87 -22.16 27.96
CA ALA B 86 16.44 -21.05 27.12
C ALA B 86 16.44 -19.77 27.90
N LYS B 87 16.75 -18.66 27.24
CA LYS B 87 16.84 -17.36 27.90
C LYS B 87 15.66 -16.47 27.63
N LEU B 88 15.39 -15.62 28.61
CA LEU B 88 14.36 -14.62 28.55
C LEU B 88 15.00 -13.44 27.82
N LEU B 89 14.44 -13.07 26.67
CA LEU B 89 14.91 -11.95 25.86
C LEU B 89 14.57 -10.63 26.53
N SER B 90 15.46 -9.65 26.38
CA SER B 90 15.21 -8.33 26.95
C SER B 90 14.19 -7.60 26.08
N VAL B 91 13.45 -6.63 26.67
CA VAL B 91 12.46 -5.79 25.98
C VAL B 91 13.06 -5.15 24.70
N GLU B 92 14.35 -4.83 24.73
CA GLU B 92 15.01 -4.28 23.57
C GLU B 92 15.40 -5.37 22.56
N GLU B 93 15.80 -6.59 23.01
CA GLU B 93 16.17 -7.69 22.11
C GLU B 93 14.97 -8.11 21.23
N ALA B 94 13.79 -8.32 21.85
CA ALA B 94 12.54 -8.66 21.16
C ALA B 94 12.08 -7.54 20.21
N CYS B 95 12.36 -6.27 20.57
CA CYS B 95 12.02 -5.06 19.81
C CYS B 95 12.77 -5.03 18.48
N LYS B 96 14.10 -5.17 18.55
CA LYS B 96 15.05 -5.23 17.44
C LYS B 96 14.73 -6.43 16.50
N LEU B 97 13.93 -7.42 16.95
CA LEU B 97 13.50 -8.57 16.14
C LEU B 97 12.14 -8.32 15.44
N THR B 98 11.56 -7.11 15.55
CA THR B 98 10.25 -6.77 14.97
C THR B 98 10.41 -6.29 13.52
N PRO B 99 9.67 -6.87 12.53
CA PRO B 99 9.80 -6.38 11.14
C PRO B 99 9.37 -4.93 11.06
N PRO B 100 10.06 -4.11 10.23
CA PRO B 100 9.74 -2.68 10.17
C PRO B 100 8.35 -2.39 9.62
N HIS B 101 7.76 -3.28 8.79
CA HIS B 101 6.43 -3.00 8.25
C HIS B 101 5.33 -3.89 8.91
N SER B 102 5.66 -4.45 10.09
CA SER B 102 4.76 -5.22 10.94
C SER B 102 3.53 -4.34 11.34
N ALA B 103 2.37 -5.00 11.58
CA ALA B 103 1.14 -4.32 11.93
C ALA B 103 1.25 -3.49 13.23
N LYS B 104 0.82 -2.22 13.15
CA LYS B 104 0.81 -1.26 14.26
C LYS B 104 -0.06 -1.76 15.41
N SER B 105 0.17 -1.23 16.60
CA SER B 105 -0.63 -1.57 17.75
C SER B 105 -1.87 -0.68 17.77
N LYS B 106 -2.97 -1.20 18.34
CA LYS B 106 -4.21 -0.47 18.54
C LYS B 106 -4.06 0.55 19.66
N PHE B 107 -2.95 0.47 20.42
CA PHE B 107 -2.63 1.35 21.55
C PHE B 107 -1.61 2.46 21.21
N GLY B 108 -1.71 2.99 19.99
CA GLY B 108 -0.92 4.14 19.51
C GLY B 108 0.60 4.10 19.37
N TYR B 109 1.14 2.98 18.82
CA TYR B 109 2.57 2.80 18.50
C TYR B 109 2.70 1.79 17.37
N GLY B 110 3.76 1.93 16.57
CA GLY B 110 4.01 1.05 15.44
C GLY B 110 5.31 0.28 15.52
N ALA B 111 5.60 -0.52 14.48
CA ALA B 111 6.82 -1.35 14.39
C ALA B 111 8.07 -0.49 14.41
N LYS B 112 8.02 0.71 13.80
CA LYS B 112 9.12 1.69 13.78
C LYS B 112 9.34 2.25 15.19
N ASP B 113 8.23 2.47 15.94
CA ASP B 113 8.25 2.97 17.32
C ASP B 113 8.94 1.93 18.18
N VAL B 114 8.45 0.67 18.10
CA VAL B 114 8.96 -0.53 18.78
C VAL B 114 10.49 -0.67 18.57
N ARG B 115 10.95 -0.60 17.30
CA ARG B 115 12.35 -0.76 16.90
C ARG B 115 13.30 0.31 17.44
N ASN B 116 12.84 1.59 17.48
CA ASN B 116 13.63 2.73 17.96
C ASN B 116 13.59 2.84 19.49
N LEU B 117 12.81 1.93 20.12
CA LEU B 117 12.58 1.78 21.56
C LEU B 117 11.90 3.04 22.17
N SER B 118 10.91 3.59 21.42
CA SER B 118 10.06 4.74 21.78
C SER B 118 9.50 4.54 23.18
N SER B 119 9.53 5.60 24.00
CA SER B 119 9.04 5.66 25.39
C SER B 119 7.64 5.03 25.52
N LYS B 120 6.72 5.33 24.57
CA LYS B 120 5.33 4.83 24.60
C LYS B 120 5.27 3.33 24.19
N ALA B 121 6.04 2.92 23.17
CA ALA B 121 6.09 1.54 22.70
C ALA B 121 6.59 0.60 23.78
N VAL B 122 7.71 0.97 24.47
CA VAL B 122 8.35 0.17 25.52
C VAL B 122 7.46 0.07 26.79
N ASN B 123 6.80 1.20 27.17
CA ASN B 123 5.90 1.29 28.33
C ASN B 123 4.65 0.40 28.19
N HIS B 124 4.25 0.12 26.93
CA HIS B 124 3.12 -0.76 26.65
C HIS B 124 3.53 -2.19 26.70
N ILE B 125 4.76 -2.50 26.20
CA ILE B 125 5.31 -3.86 26.20
C ILE B 125 5.50 -4.31 27.64
N HIS B 126 5.98 -3.41 28.52
CA HIS B 126 6.13 -3.64 29.96
C HIS B 126 4.79 -3.88 30.63
N SER B 127 3.72 -3.17 30.18
CA SER B 127 2.36 -3.30 30.71
C SER B 127 1.70 -4.63 30.30
N VAL B 128 1.85 -5.02 29.01
CA VAL B 128 1.33 -6.27 28.48
C VAL B 128 2.01 -7.45 29.18
N TRP B 129 3.35 -7.36 29.40
CA TRP B 129 4.17 -8.38 30.05
C TRP B 129 3.72 -8.58 31.48
N LYS B 130 3.52 -7.48 32.23
CA LYS B 130 3.07 -7.52 33.62
C LYS B 130 1.69 -8.16 33.67
N ASP B 131 0.80 -7.81 32.70
CA ASP B 131 -0.53 -8.42 32.63
C ASP B 131 -0.41 -9.93 32.38
N LEU B 132 0.54 -10.37 31.52
CA LEU B 132 0.77 -11.78 31.26
C LEU B 132 1.15 -12.53 32.56
N LEU B 133 2.02 -11.93 33.38
CA LEU B 133 2.47 -12.53 34.63
C LEU B 133 1.41 -12.58 35.71
N GLU B 134 0.48 -11.61 35.75
CA GLU B 134 -0.55 -11.55 36.80
C GLU B 134 -1.86 -12.25 36.45
N ASP B 135 -2.23 -12.35 35.15
CA ASP B 135 -3.47 -12.96 34.65
C ASP B 135 -3.16 -14.13 33.75
N THR B 136 -3.62 -15.35 34.08
CA THR B 136 -3.38 -16.55 33.24
C THR B 136 -4.66 -17.13 32.62
N VAL B 137 -5.78 -16.39 32.73
CA VAL B 137 -7.13 -16.86 32.39
C VAL B 137 -7.81 -16.16 31.21
N THR B 138 -7.79 -14.80 31.20
CA THR B 138 -8.49 -13.93 30.24
C THR B 138 -8.01 -14.09 28.85
N PRO B 139 -8.86 -14.52 27.88
CA PRO B 139 -8.36 -14.63 26.50
C PRO B 139 -7.86 -13.29 25.96
N ILE B 140 -6.86 -13.38 25.09
CA ILE B 140 -6.23 -12.24 24.42
C ILE B 140 -6.91 -12.11 23.07
N ASP B 141 -7.28 -10.89 22.70
CA ASP B 141 -7.90 -10.68 21.41
C ASP B 141 -6.90 -10.92 20.26
N THR B 142 -7.43 -11.29 19.08
CA THR B 142 -6.68 -11.51 17.85
C THR B 142 -7.44 -10.88 16.70
N THR B 143 -6.73 -10.54 15.60
CA THR B 143 -7.30 -9.99 14.38
C THR B 143 -7.30 -11.07 13.31
N ILE B 144 -8.40 -11.19 12.59
CA ILE B 144 -8.51 -12.15 11.51
C ILE B 144 -8.45 -11.37 10.19
N MET B 145 -7.48 -11.72 9.30
CA MET B 145 -7.25 -11.06 8.01
C MET B 145 -7.18 -12.07 6.87
N ALA B 146 -7.75 -11.69 5.73
CA ALA B 146 -7.65 -12.48 4.52
C ALA B 146 -6.30 -12.09 3.89
N LYS B 147 -5.50 -13.10 3.52
CA LYS B 147 -4.18 -12.94 2.92
C LYS B 147 -4.29 -12.70 1.43
N ASN B 148 -3.61 -11.64 0.97
CA ASN B 148 -3.56 -11.28 -0.44
C ASN B 148 -2.31 -11.93 -1.02
N GLU B 149 -2.53 -13.09 -1.68
CA GLU B 149 -1.51 -13.89 -2.34
C GLU B 149 -1.89 -14.06 -3.80
N VAL B 150 -0.89 -14.12 -4.68
CA VAL B 150 -1.00 -14.24 -6.13
C VAL B 150 -0.86 -15.72 -6.57
N PHE B 151 -1.74 -16.17 -7.47
CA PHE B 151 -1.70 -17.55 -7.99
C PHE B 151 -2.02 -17.62 -9.49
N CYS B 152 -1.91 -18.84 -10.07
CA CYS B 152 -2.27 -19.09 -11.46
C CYS B 152 -3.54 -19.97 -11.51
N VAL B 153 -4.29 -19.90 -12.61
CA VAL B 153 -5.52 -20.68 -12.81
C VAL B 153 -5.22 -22.20 -12.99
N GLN B 154 -6.18 -23.06 -12.52
CA GLN B 154 -6.14 -24.55 -12.55
C GLN B 154 -4.95 -25.12 -11.79
N ARG B 160 -10.24 -21.21 -8.95
CA ARG B 160 -9.53 -20.16 -8.23
C ARG B 160 -9.60 -20.43 -6.75
N LYS B 161 -8.46 -20.35 -6.06
CA LYS B 161 -8.36 -20.62 -4.61
C LYS B 161 -9.00 -19.50 -3.77
N PRO B 162 -9.56 -19.80 -2.57
CA PRO B 162 -10.04 -18.72 -1.70
C PRO B 162 -8.88 -18.09 -0.88
N ALA B 163 -9.12 -16.93 -0.23
CA ALA B 163 -8.12 -16.23 0.58
C ALA B 163 -7.71 -17.02 1.82
N ARG B 164 -6.41 -17.30 1.97
CA ARG B 164 -5.90 -17.99 3.15
C ARG B 164 -6.03 -17.02 4.35
N LEU B 165 -6.21 -17.52 5.59
CA LEU B 165 -6.45 -16.64 6.74
C LEU B 165 -5.31 -16.54 7.75
N ILE B 166 -5.04 -15.30 8.23
CA ILE B 166 -4.02 -15.05 9.23
C ILE B 166 -4.65 -14.51 10.52
N VAL B 167 -4.47 -15.23 11.63
CA VAL B 167 -4.97 -14.84 12.95
C VAL B 167 -3.80 -14.28 13.78
N PHE B 168 -3.87 -13.03 14.27
CA PHE B 168 -2.71 -12.53 15.01
C PHE B 168 -3.05 -11.61 16.17
N PRO B 169 -2.24 -11.65 17.26
CA PRO B 169 -2.47 -10.74 18.40
C PRO B 169 -1.82 -9.38 18.16
N ASP B 170 -2.15 -8.37 19.00
CA ASP B 170 -1.58 -7.02 18.93
C ASP B 170 -0.04 -7.01 18.98
N LEU B 171 0.58 -5.99 18.35
CA LEU B 171 2.01 -5.74 18.31
C LEU B 171 2.74 -6.04 19.65
N GLY B 172 2.22 -5.50 20.76
CA GLY B 172 2.76 -5.67 22.11
C GLY B 172 2.78 -7.10 22.63
N VAL B 173 1.81 -7.92 22.20
CA VAL B 173 1.74 -9.34 22.56
C VAL B 173 2.83 -10.06 21.78
N ARG B 174 3.06 -9.67 20.53
CA ARG B 174 4.05 -10.29 19.65
C ARG B 174 5.46 -10.05 20.18
N VAL B 175 5.69 -8.82 20.71
CA VAL B 175 6.96 -8.50 21.36
C VAL B 175 7.09 -9.40 22.61
N CYS B 176 6.01 -9.52 23.41
CA CYS B 176 6.03 -10.35 24.61
C CYS B 176 6.23 -11.85 24.32
N GLU B 177 5.60 -12.38 23.25
CA GLU B 177 5.80 -13.78 22.80
C GLU B 177 7.32 -14.00 22.56
N LYS B 178 7.98 -13.03 21.87
CA LYS B 178 9.40 -13.06 21.56
C LYS B 178 10.26 -13.11 22.83
N MET B 179 9.94 -12.29 23.85
CA MET B 179 10.68 -12.30 25.12
C MET B 179 10.65 -13.68 25.79
N ALA B 180 9.46 -14.29 25.88
CA ALA B 180 9.25 -15.60 26.49
C ALA B 180 9.74 -16.80 25.68
N LEU B 181 9.50 -16.83 24.34
CA LEU B 181 9.73 -18.03 23.52
C LEU B 181 10.70 -17.95 22.31
N TYR B 182 11.26 -16.79 21.95
CA TYR B 182 12.18 -16.77 20.81
C TYR B 182 13.36 -17.73 21.02
N ASP B 183 13.98 -17.73 22.22
CA ASP B 183 15.10 -18.65 22.47
C ASP B 183 14.66 -20.14 22.47
N VAL B 184 13.43 -20.41 22.95
CA VAL B 184 12.80 -21.74 23.01
C VAL B 184 12.68 -22.26 21.57
N VAL B 185 11.86 -21.58 20.72
CA VAL B 185 11.60 -21.93 19.30
C VAL B 185 12.91 -22.07 18.47
N SER B 186 14.00 -21.37 18.91
CA SER B 186 15.32 -21.39 18.25
C SER B 186 16.13 -22.61 18.58
N THR B 187 16.16 -23.01 19.86
CA THR B 187 17.04 -24.07 20.31
C THR B 187 16.36 -25.44 20.50
N LEU B 188 15.14 -25.47 21.02
CA LEU B 188 14.40 -26.68 21.34
C LEU B 188 14.14 -27.63 20.16
N PRO B 189 13.56 -27.21 19.01
CA PRO B 189 13.21 -28.20 17.97
C PRO B 189 14.33 -29.06 17.44
N GLN B 190 15.56 -28.55 17.31
CA GLN B 190 16.64 -29.39 16.83
C GLN B 190 17.00 -30.40 17.90
N VAL B 191 16.97 -29.99 19.16
CA VAL B 191 17.30 -30.91 20.23
C VAL B 191 16.27 -32.06 20.27
N VAL B 192 14.98 -31.73 20.14
CA VAL B 192 13.89 -32.69 20.19
C VAL B 192 13.84 -33.62 18.98
N MET B 193 14.01 -33.08 17.75
CA MET B 193 13.83 -33.81 16.49
C MET B 193 15.07 -34.18 15.71
N GLY B 194 16.23 -33.68 16.11
CA GLY B 194 17.50 -34.01 15.48
C GLY B 194 17.57 -33.59 14.03
N SER B 195 18.04 -34.50 13.15
CA SER B 195 18.18 -34.24 11.72
C SER B 195 16.85 -34.11 11.00
N SER B 196 15.75 -34.50 11.66
CA SER B 196 14.39 -34.43 11.18
C SER B 196 13.81 -33.00 11.19
N TYR B 197 14.42 -32.05 11.97
CA TYR B 197 13.92 -30.66 12.02
C TYR B 197 14.37 -29.93 10.77
N GLY B 198 13.47 -29.82 9.79
CA GLY B 198 13.76 -29.22 8.49
C GLY B 198 14.29 -27.80 8.46
N PHE B 199 13.80 -26.93 9.37
CA PHE B 199 14.15 -25.51 9.47
C PHE B 199 15.59 -25.22 9.83
N GLN B 200 16.44 -26.23 10.02
CA GLN B 200 17.87 -26.04 10.34
C GLN B 200 18.73 -26.03 9.06
N TYR B 201 18.20 -26.60 7.99
CA TYR B 201 18.90 -26.78 6.75
C TYR B 201 18.82 -25.63 5.79
N SER B 202 19.97 -25.27 5.20
CA SER B 202 20.06 -24.32 4.10
C SER B 202 19.58 -25.17 2.90
N PRO B 203 19.04 -24.63 1.76
CA PRO B 203 18.57 -25.52 0.69
C PRO B 203 19.56 -26.65 0.31
N GLY B 204 20.86 -26.33 0.29
CA GLY B 204 21.93 -27.27 0.02
C GLY B 204 22.00 -28.38 1.07
N GLN B 205 21.89 -28.03 2.36
CA GLN B 205 21.93 -28.98 3.47
C GLN B 205 20.72 -29.95 3.45
N ARG B 206 19.56 -29.45 2.97
CA ARG B 206 18.32 -30.21 2.84
C ARG B 206 18.42 -31.30 1.76
N VAL B 207 18.95 -30.94 0.55
CA VAL B 207 19.14 -31.89 -0.59
C VAL B 207 20.14 -32.95 -0.17
N GLU B 208 21.17 -32.53 0.58
CA GLU B 208 22.23 -33.35 1.14
C GLU B 208 21.60 -34.35 2.10
N PHE B 209 20.67 -33.86 2.95
CA PHE B 209 20.00 -34.73 3.92
C PHE B 209 19.12 -35.79 3.25
N LEU B 210 18.28 -35.40 2.28
CA LEU B 210 17.36 -36.34 1.65
C LEU B 210 18.03 -37.42 0.90
N VAL B 211 19.12 -37.08 0.18
CA VAL B 211 19.92 -38.00 -0.62
C VAL B 211 20.61 -38.98 0.30
N ASN B 212 21.35 -38.47 1.31
CA ASN B 212 22.06 -39.32 2.27
C ASN B 212 21.11 -40.26 2.99
N THR B 213 19.85 -39.79 3.21
CA THR B 213 18.79 -40.56 3.85
C THR B 213 18.20 -41.60 2.89
N TRP B 214 17.91 -41.19 1.64
CA TRP B 214 17.37 -42.07 0.61
C TRP B 214 18.35 -43.24 0.37
N LYS B 215 19.67 -42.91 0.33
CA LYS B 215 20.80 -43.84 0.15
C LYS B 215 20.96 -44.76 1.37
N SER B 216 20.79 -44.22 2.60
CA SER B 216 20.94 -44.99 3.85
C SER B 216 20.09 -46.27 3.93
N LYS B 217 18.96 -46.30 3.18
CA LYS B 217 18.03 -47.45 3.15
C LYS B 217 18.43 -48.40 2.02
N LYS B 218 18.51 -49.74 2.31
CA LYS B 218 18.84 -50.79 1.34
C LYS B 218 17.88 -50.74 0.14
N ASN B 219 16.55 -50.65 0.42
CA ASN B 219 15.49 -50.54 -0.59
C ASN B 219 14.54 -49.40 -0.20
N PRO B 220 14.82 -48.14 -0.62
CA PRO B 220 13.99 -47.02 -0.14
C PRO B 220 12.61 -46.85 -0.75
N MET B 221 11.70 -46.43 0.11
CA MET B 221 10.34 -46.02 -0.19
C MET B 221 10.09 -44.78 0.62
N GLY B 222 9.54 -43.78 -0.03
CA GLY B 222 9.21 -42.53 0.60
C GLY B 222 7.88 -42.01 0.12
N PHE B 223 7.30 -41.08 0.88
CA PHE B 223 6.05 -40.41 0.57
C PHE B 223 5.98 -39.11 1.32
N SER B 224 5.16 -38.19 0.81
CA SER B 224 4.91 -36.94 1.51
C SER B 224 3.54 -37.10 2.20
N TYR B 225 3.33 -36.40 3.29
CA TYR B 225 2.02 -36.46 3.95
C TYR B 225 1.59 -35.06 4.21
N ASP B 226 0.48 -34.67 3.64
CA ASP B 226 0.01 -33.31 3.83
C ASP B 226 -1.37 -33.30 4.46
N THR B 227 -1.43 -32.82 5.72
CA THR B 227 -2.68 -32.75 6.45
C THR B 227 -3.51 -31.62 5.85
N ARG B 228 -4.83 -31.87 5.67
CA ARG B 228 -5.78 -30.86 5.16
C ARG B 228 -6.08 -29.89 6.30
N CYS B 229 -5.76 -28.58 6.09
CA CYS B 229 -5.93 -27.50 7.08
C CYS B 229 -5.35 -27.90 8.43
N PHE B 230 -4.03 -28.18 8.42
CA PHE B 230 -3.30 -28.62 9.60
C PHE B 230 -3.57 -27.75 10.83
N ASP B 231 -3.63 -26.40 10.65
CA ASP B 231 -3.89 -25.45 11.72
C ASP B 231 -5.21 -25.77 12.40
N SER B 232 -6.24 -26.10 11.60
CA SER B 232 -7.55 -26.46 12.10
C SER B 232 -7.61 -27.86 12.70
N THR B 233 -6.65 -28.74 12.37
CA THR B 233 -6.58 -30.09 12.95
C THR B 233 -5.93 -30.08 14.35
N VAL B 234 -5.10 -29.02 14.63
CA VAL B 234 -4.45 -28.78 15.92
C VAL B 234 -5.59 -28.50 16.93
N THR B 235 -5.60 -29.23 18.05
CA THR B 235 -6.63 -29.15 19.06
C THR B 235 -6.13 -28.52 20.35
N GLU B 236 -7.00 -28.38 21.36
CA GLU B 236 -6.60 -27.85 22.67
C GLU B 236 -5.57 -28.76 23.34
N ASN B 237 -5.75 -30.09 23.22
CA ASN B 237 -4.81 -31.03 23.82
C ASN B 237 -3.42 -30.83 23.20
N ASP B 238 -3.37 -30.71 21.84
CA ASP B 238 -2.15 -30.51 21.05
C ASP B 238 -1.37 -29.32 21.52
N ILE B 239 -2.05 -28.18 21.65
CA ILE B 239 -1.49 -26.92 22.14
C ILE B 239 -0.99 -27.08 23.62
N ARG B 240 -1.76 -27.79 24.47
CA ARG B 240 -1.38 -28.06 25.86
C ARG B 240 -0.14 -28.93 25.92
N VAL B 241 -0.12 -30.00 25.11
CA VAL B 241 0.98 -30.95 24.94
C VAL B 241 2.26 -30.21 24.50
N GLU B 242 2.18 -29.26 23.56
CA GLU B 242 3.32 -28.43 23.15
C GLU B 242 3.85 -27.61 24.33
N GLU B 243 2.98 -27.03 25.14
CA GLU B 243 3.36 -26.23 26.30
C GLU B 243 4.19 -27.09 27.22
N SER B 244 3.77 -28.37 27.45
CA SER B 244 4.46 -29.31 28.34
C SER B 244 5.84 -29.64 27.82
N ILE B 245 6.06 -29.53 26.49
CA ILE B 245 7.37 -29.73 25.89
C ILE B 245 8.18 -28.49 26.20
N TYR B 246 7.61 -27.28 25.96
CA TYR B 246 8.32 -26.04 26.29
C TYR B 246 8.69 -25.97 27.77
N GLN B 247 7.78 -26.34 28.66
CA GLN B 247 7.99 -26.32 30.11
C GLN B 247 9.06 -27.32 30.58
N CYS B 248 9.50 -28.24 29.69
CA CYS B 248 10.56 -29.19 30.03
C CYS B 248 11.92 -28.50 30.12
N CYS B 249 12.13 -27.40 29.36
CA CYS B 249 13.33 -26.57 29.34
C CYS B 249 13.64 -26.05 30.71
N ASP B 250 14.93 -25.72 30.93
CA ASP B 250 15.34 -25.02 32.13
C ASP B 250 15.04 -23.55 31.77
N LEU B 251 13.98 -23.01 32.36
CA LEU B 251 13.51 -21.65 32.10
C LEU B 251 13.53 -20.76 33.35
N ALA B 252 13.42 -19.45 33.13
CA ALA B 252 13.33 -18.47 34.19
C ALA B 252 11.89 -18.53 34.71
N PRO B 253 11.64 -18.32 36.01
CA PRO B 253 10.25 -18.34 36.49
C PRO B 253 9.33 -17.38 35.73
N GLU B 254 9.84 -16.18 35.39
CA GLU B 254 9.10 -15.19 34.61
C GLU B 254 8.72 -15.78 33.22
N ALA B 255 9.62 -16.56 32.57
CA ALA B 255 9.34 -17.21 31.27
C ALA B 255 8.32 -18.34 31.40
N ARG B 256 8.37 -19.14 32.50
CA ARG B 256 7.42 -20.24 32.79
C ARG B 256 6.02 -19.69 32.88
N GLN B 257 5.84 -18.57 33.62
CA GLN B 257 4.54 -17.96 33.83
C GLN B 257 4.01 -17.40 32.53
N ALA B 258 4.82 -16.57 31.82
CA ALA B 258 4.49 -15.95 30.55
C ALA B 258 4.15 -17.00 29.48
N ILE B 259 4.86 -18.17 29.43
CA ILE B 259 4.56 -19.26 28.48
C ILE B 259 3.21 -19.86 28.86
N LYS B 260 2.97 -20.08 30.17
CA LYS B 260 1.71 -20.63 30.68
C LYS B 260 0.55 -19.71 30.33
N SER B 261 0.73 -18.40 30.59
CA SER B 261 -0.24 -17.38 30.28
C SER B 261 -0.56 -17.29 28.80
N LEU B 262 0.45 -17.18 27.93
CA LEU B 262 0.27 -17.12 26.49
C LEU B 262 -0.46 -18.35 25.96
N THR B 263 -0.19 -19.52 26.52
CA THR B 263 -0.84 -20.74 26.08
C THR B 263 -2.33 -20.66 26.37
N GLU B 264 -2.71 -20.49 27.63
CA GLU B 264 -4.07 -20.44 28.08
C GLU B 264 -4.88 -19.34 27.45
N ARG B 265 -4.28 -18.15 27.36
CA ARG B 265 -4.91 -16.90 26.91
C ARG B 265 -4.84 -16.62 25.41
N LEU B 266 -3.89 -17.23 24.70
CA LEU B 266 -3.75 -16.98 23.27
C LEU B 266 -3.63 -18.25 22.44
N TYR B 267 -2.66 -19.14 22.76
CA TYR B 267 -2.40 -20.34 21.98
C TYR B 267 -3.57 -21.37 21.96
N ILE B 268 -4.14 -21.80 23.13
CA ILE B 268 -5.23 -22.77 23.14
C ILE B 268 -6.46 -22.25 22.32
N GLY B 269 -6.55 -20.93 22.17
CA GLY B 269 -7.62 -20.30 21.42
C GLY B 269 -8.10 -18.99 22.01
N GLY B 270 -9.00 -18.32 21.28
CA GLY B 270 -9.56 -17.03 21.69
C GLY B 270 -10.49 -16.35 20.72
N PRO B 271 -10.98 -15.15 21.06
CA PRO B 271 -11.91 -14.44 20.13
C PRO B 271 -11.24 -13.84 18.90
N LEU B 272 -12.00 -13.76 17.78
CA LEU B 272 -11.59 -13.24 16.48
C LEU B 272 -12.25 -11.90 16.21
N THR B 273 -11.48 -10.95 15.67
CA THR B 273 -11.93 -9.58 15.37
C THR B 273 -11.40 -9.14 14.00
N ASN B 274 -12.23 -8.48 13.16
CA ASN B 274 -11.79 -8.02 11.84
C ASN B 274 -11.04 -6.67 11.91
N SER B 275 -10.65 -6.09 10.76
CA SER B 275 -9.94 -4.81 10.68
C SER B 275 -10.80 -3.66 11.22
N LYS B 276 -12.15 -3.75 10.99
CA LYS B 276 -13.18 -2.79 11.41
C LYS B 276 -13.45 -2.92 12.92
N GLY B 277 -13.04 -4.03 13.51
CA GLY B 277 -13.19 -4.31 14.93
C GLY B 277 -14.51 -4.94 15.35
N GLN B 278 -14.99 -5.91 14.57
CA GLN B 278 -16.23 -6.62 14.85
C GLN B 278 -15.89 -8.05 15.21
N ASN B 279 -16.62 -8.62 16.18
CA ASN B 279 -16.39 -9.99 16.62
C ASN B 279 -16.83 -10.97 15.52
N CYS B 280 -15.86 -11.62 14.81
CA CYS B 280 -16.15 -12.60 13.76
C CYS B 280 -16.39 -13.97 14.34
N GLY B 281 -16.08 -14.15 15.61
CA GLY B 281 -16.28 -15.42 16.27
C GLY B 281 -15.16 -15.81 17.21
N TYR B 282 -15.00 -17.12 17.43
CA TYR B 282 -14.04 -17.70 18.37
C TYR B 282 -13.17 -18.78 17.72
N ARG B 283 -11.88 -18.80 18.08
CA ARG B 283 -10.91 -19.78 17.63
C ARG B 283 -10.63 -20.77 18.78
N ARG B 284 -10.64 -22.07 18.48
CA ARG B 284 -10.37 -23.10 19.47
C ARG B 284 -9.27 -24.05 18.93
N CYS B 285 -8.58 -23.57 17.86
CA CYS B 285 -7.50 -24.26 17.16
C CYS B 285 -6.24 -23.37 17.04
N ARG B 286 -5.28 -23.72 16.17
CA ARG B 286 -4.02 -23.00 16.00
C ARG B 286 -4.14 -21.62 15.31
N ALA B 287 -3.51 -20.58 15.93
CA ALA B 287 -3.47 -19.25 15.34
C ALA B 287 -2.38 -19.28 14.28
N SER B 288 -2.66 -18.67 13.12
CA SER B 288 -1.74 -18.63 11.98
C SER B 288 -0.57 -17.69 12.23
N GLY B 289 -0.83 -16.60 12.96
CA GLY B 289 0.12 -15.53 13.21
C GLY B 289 0.79 -15.46 14.57
N VAL B 290 0.92 -16.62 15.26
CA VAL B 290 1.64 -16.64 16.54
C VAL B 290 3.10 -17.14 16.31
N LEU B 291 4.05 -16.71 17.19
CA LEU B 291 5.47 -17.10 17.18
C LEU B 291 5.63 -18.61 17.06
N THR B 292 4.90 -19.31 17.91
CA THR B 292 4.86 -20.76 18.07
C THR B 292 4.13 -21.54 16.94
N THR B 293 3.64 -20.89 15.86
CA THR B 293 2.94 -21.59 14.78
C THR B 293 3.87 -22.63 14.14
N SER B 294 4.97 -22.18 13.48
CA SER B 294 5.98 -23.01 12.81
C SER B 294 6.56 -24.07 13.73
N CYS B 295 6.98 -23.68 14.94
CA CYS B 295 7.56 -24.57 15.95
C CYS B 295 6.54 -25.62 16.49
N GLY B 296 5.36 -25.15 16.89
CA GLY B 296 4.28 -25.98 17.37
C GLY B 296 3.91 -27.00 16.31
N ASN B 297 3.54 -26.53 15.10
CA ASN B 297 3.17 -27.41 14.01
C ASN B 297 4.23 -28.44 13.72
N THR B 298 5.53 -28.06 13.84
CA THR B 298 6.65 -28.99 13.62
C THR B 298 6.68 -30.05 14.73
N LEU B 299 6.51 -29.64 15.97
CA LEU B 299 6.56 -30.59 17.08
C LEU B 299 5.39 -31.53 17.04
N THR B 300 4.16 -30.98 16.85
CA THR B 300 2.90 -31.74 16.79
C THR B 300 2.88 -32.71 15.60
N CYS B 301 3.32 -32.23 14.39
CA CYS B 301 3.38 -33.05 13.19
C CYS B 301 4.33 -34.21 13.37
N TYR B 302 5.49 -33.94 13.99
CA TYR B 302 6.53 -34.93 14.29
C TYR B 302 6.02 -35.94 15.29
N LEU B 303 5.36 -35.46 16.35
CA LEU B 303 4.79 -36.31 17.41
C LEU B 303 3.77 -37.29 16.84
N LYS B 304 2.80 -36.82 16.05
CA LYS B 304 1.74 -37.64 15.45
C LYS B 304 2.28 -38.55 14.39
N ALA B 305 3.25 -38.06 13.55
CA ALA B 305 3.85 -38.84 12.46
C ALA B 305 4.66 -39.95 13.04
N SER B 306 5.57 -39.64 13.98
CA SER B 306 6.44 -40.59 14.64
C SER B 306 5.65 -41.75 15.24
N ALA B 307 4.56 -41.42 15.94
CA ALA B 307 3.61 -42.34 16.58
C ALA B 307 2.85 -43.20 15.55
N ALA B 308 2.55 -42.64 14.35
CA ALA B 308 1.87 -43.29 13.23
C ALA B 308 2.77 -44.22 12.44
N CYS B 309 4.10 -44.07 12.60
CA CYS B 309 5.08 -44.96 11.98
C CYS B 309 5.13 -46.24 12.79
N ARG B 310 5.15 -46.08 14.12
CA ARG B 310 5.15 -47.15 15.10
C ARG B 310 3.85 -47.93 14.96
N ALA B 311 2.70 -47.23 15.00
CA ALA B 311 1.38 -47.79 14.82
C ALA B 311 1.32 -48.64 13.54
N ALA B 312 1.70 -48.06 12.38
CA ALA B 312 1.68 -48.72 11.06
C ALA B 312 2.84 -49.72 10.81
N LYS B 313 3.72 -49.90 11.80
CA LYS B 313 4.88 -50.81 11.74
C LYS B 313 5.76 -50.54 10.50
N LEU B 314 6.00 -49.24 10.19
CA LEU B 314 6.88 -48.85 9.08
C LEU B 314 8.32 -49.15 9.49
N GLN B 315 9.05 -49.81 8.58
CA GLN B 315 10.40 -50.25 8.81
C GLN B 315 11.42 -49.13 8.64
N ASP B 316 12.23 -48.88 9.69
CA ASP B 316 13.33 -47.92 9.71
C ASP B 316 12.98 -46.60 9.01
N CYS B 317 12.10 -45.79 9.63
CA CYS B 317 11.63 -44.53 9.02
C CYS B 317 12.32 -43.31 9.55
N THR B 318 12.95 -42.59 8.62
CA THR B 318 13.61 -41.30 8.83
C THR B 318 12.62 -40.30 8.29
N MET B 319 12.46 -39.17 8.96
CA MET B 319 11.51 -38.22 8.42
C MET B 319 11.98 -36.81 8.47
N LEU B 320 11.30 -35.96 7.70
CA LEU B 320 11.61 -34.55 7.61
C LEU B 320 10.34 -33.77 7.80
N VAL B 321 10.34 -32.94 8.85
CA VAL B 321 9.21 -32.13 9.25
C VAL B 321 9.55 -30.65 9.06
N ASN B 322 8.69 -29.92 8.37
CA ASN B 322 8.83 -28.48 8.15
C ASN B 322 7.45 -27.93 8.37
N GLY B 323 7.17 -27.47 9.59
CA GLY B 323 5.84 -26.99 9.94
C GLY B 323 4.84 -28.12 9.84
N ASP B 324 4.00 -28.09 8.81
CA ASP B 324 2.95 -29.08 8.56
C ASP B 324 3.32 -30.04 7.44
N ASP B 325 4.35 -29.69 6.65
CA ASP B 325 4.85 -30.49 5.56
C ASP B 325 5.73 -31.60 6.11
N LEU B 326 5.35 -32.84 5.83
CA LEU B 326 6.03 -34.04 6.31
C LEU B 326 6.42 -34.96 5.17
N VAL B 327 7.65 -35.51 5.23
CA VAL B 327 8.17 -36.51 4.32
C VAL B 327 8.73 -37.63 5.13
N VAL B 328 8.38 -38.86 4.77
CA VAL B 328 8.82 -40.09 5.43
C VAL B 328 9.56 -40.95 4.40
N ILE B 329 10.83 -41.24 4.67
CA ILE B 329 11.69 -42.14 3.90
C ILE B 329 11.93 -43.37 4.81
N CYS B 330 11.51 -44.54 4.34
CA CYS B 330 11.60 -45.78 5.09
C CYS B 330 12.03 -46.98 4.22
N GLU B 331 12.18 -48.15 4.88
CA GLU B 331 12.55 -49.38 4.22
C GLU B 331 11.30 -50.00 3.59
N SER B 332 11.31 -50.09 2.22
CA SER B 332 10.23 -50.66 1.42
C SER B 332 10.14 -52.13 1.73
N ALA B 333 8.92 -52.60 2.01
CA ALA B 333 8.67 -54.02 2.32
C ALA B 333 7.83 -54.69 1.21
N GLY B 334 7.93 -54.15 0.00
CA GLY B 334 7.18 -54.60 -1.14
C GLY B 334 6.21 -53.51 -1.56
N VAL B 335 5.86 -53.46 -2.84
CA VAL B 335 4.95 -52.46 -3.40
C VAL B 335 3.57 -52.50 -2.69
N GLN B 336 2.94 -53.67 -2.63
CA GLN B 336 1.61 -53.86 -2.02
C GLN B 336 1.57 -53.74 -0.48
N GLU B 337 2.74 -53.92 0.18
CA GLU B 337 2.93 -53.75 1.62
C GLU B 337 2.92 -52.28 1.91
N ASP B 338 3.75 -51.53 1.17
CA ASP B 338 3.93 -50.10 1.29
C ASP B 338 2.61 -49.39 1.22
N ALA B 339 1.78 -49.74 0.23
CA ALA B 339 0.43 -49.20 0.07
C ALA B 339 -0.44 -49.49 1.30
N ALA B 340 -0.47 -50.77 1.73
CA ALA B 340 -1.20 -51.23 2.91
C ALA B 340 -0.77 -50.46 4.19
N SER B 341 0.55 -50.30 4.38
CA SER B 341 1.20 -49.61 5.47
C SER B 341 0.81 -48.14 5.47
N LEU B 342 0.71 -47.54 4.28
CA LEU B 342 0.35 -46.15 4.10
C LEU B 342 -1.08 -45.92 4.49
N ARG B 343 -1.94 -46.91 4.24
CA ARG B 343 -3.35 -46.83 4.65
C ARG B 343 -3.37 -46.85 6.18
N ALA B 344 -2.53 -47.70 6.80
CA ALA B 344 -2.37 -47.80 8.26
C ALA B 344 -1.81 -46.50 8.81
N PHE B 345 -0.70 -45.99 8.24
CA PHE B 345 -0.13 -44.70 8.62
C PHE B 345 -1.21 -43.61 8.63
N THR B 346 -2.02 -43.54 7.53
CA THR B 346 -3.13 -42.59 7.37
C THR B 346 -4.21 -42.78 8.45
N GLU B 347 -4.58 -44.03 8.74
CA GLU B 347 -5.59 -44.35 9.75
C GLU B 347 -5.12 -43.90 11.14
N ALA B 348 -3.83 -44.13 11.47
CA ALA B 348 -3.23 -43.72 12.73
C ALA B 348 -3.24 -42.21 12.82
N MET B 349 -2.79 -41.54 11.74
CA MET B 349 -2.75 -40.09 11.63
C MET B 349 -4.11 -39.48 11.85
N THR B 350 -5.15 -40.02 11.17
CA THR B 350 -6.55 -39.59 11.24
C THR B 350 -7.02 -39.57 12.66
N ARG B 351 -6.63 -40.59 13.46
CA ARG B 351 -7.03 -40.74 14.87
C ARG B 351 -6.43 -39.69 15.76
N TYR B 352 -5.27 -39.18 15.37
CA TYR B 352 -4.58 -38.15 16.11
C TYR B 352 -5.09 -36.79 15.70
N SER B 353 -6.15 -36.78 14.87
CA SER B 353 -6.82 -35.61 14.27
C SER B 353 -5.86 -34.88 13.35
N ALA B 354 -5.39 -35.59 12.29
CA ALA B 354 -4.53 -35.06 11.25
C ALA B 354 -4.73 -35.90 9.97
N PRO B 355 -5.94 -35.89 9.34
CA PRO B 355 -6.14 -36.71 8.14
C PRO B 355 -5.55 -36.04 6.88
N PRO B 356 -5.32 -36.75 5.75
CA PRO B 356 -4.74 -36.07 4.60
C PRO B 356 -5.76 -35.40 3.68
N GLY B 357 -5.27 -34.52 2.80
CA GLY B 357 -6.11 -33.89 1.79
C GLY B 357 -6.38 -34.97 0.79
N ASP B 358 -5.35 -35.27 -0.02
CA ASP B 358 -5.32 -36.37 -0.98
C ASP B 358 -4.52 -37.49 -0.29
N PRO B 359 -4.79 -38.80 -0.54
CA PRO B 359 -4.06 -39.83 0.21
C PRO B 359 -2.58 -39.96 -0.16
N PRO B 360 -1.69 -40.33 0.80
CA PRO B 360 -0.26 -40.44 0.48
C PRO B 360 0.07 -41.61 -0.45
N GLN B 361 0.94 -41.35 -1.45
CA GLN B 361 1.40 -42.29 -2.48
C GLN B 361 2.81 -42.73 -2.19
N PRO B 362 3.11 -44.06 -2.16
CA PRO B 362 4.51 -44.48 -1.99
C PRO B 362 5.30 -44.19 -3.28
N GLU B 363 6.54 -43.74 -3.13
CA GLU B 363 7.44 -43.38 -4.24
C GLU B 363 8.75 -44.16 -4.14
N TYR B 364 9.31 -44.61 -5.28
CA TYR B 364 10.53 -45.43 -5.26
C TYR B 364 11.71 -44.73 -5.93
N ASP B 365 11.57 -43.42 -6.13
CA ASP B 365 12.56 -42.54 -6.75
C ASP B 365 12.46 -41.20 -6.03
N LEU B 366 13.57 -40.78 -5.37
CA LEU B 366 13.63 -39.54 -4.59
C LEU B 366 13.12 -38.34 -5.36
N GLU B 367 13.43 -38.29 -6.65
CA GLU B 367 13.02 -37.26 -7.58
C GLU B 367 11.47 -37.17 -7.78
N LEU B 368 10.68 -38.12 -7.22
CA LEU B 368 9.21 -38.09 -7.42
C LEU B 368 8.42 -37.68 -6.18
N ILE B 369 9.08 -37.43 -5.06
CA ILE B 369 8.41 -36.96 -3.86
C ILE B 369 8.30 -35.44 -3.97
N THR B 370 7.10 -34.89 -3.67
CA THR B 370 6.85 -33.46 -3.66
C THR B 370 6.40 -33.00 -2.27
N SER B 371 7.18 -32.07 -1.65
CA SER B 371 6.88 -31.48 -0.34
C SER B 371 7.37 -30.04 -0.32
N CYS B 372 6.54 -29.13 0.25
CA CYS B 372 6.76 -27.67 0.27
C CYS B 372 6.74 -27.16 -1.17
N SER B 373 5.93 -27.84 -2.04
CA SER B 373 5.73 -27.62 -3.50
C SER B 373 7.00 -27.96 -4.33
N SER B 374 8.05 -28.46 -3.66
CA SER B 374 9.36 -28.80 -4.18
C SER B 374 9.63 -30.29 -4.29
N ASN B 375 10.70 -30.63 -5.02
CA ASN B 375 11.23 -31.97 -5.30
C ASN B 375 12.73 -31.85 -5.65
N VAL B 376 13.47 -32.95 -5.57
CA VAL B 376 14.91 -33.02 -5.86
C VAL B 376 15.13 -33.18 -7.38
N SER B 377 16.23 -32.62 -7.91
CA SER B 377 16.60 -32.82 -9.32
C SER B 377 18.13 -32.95 -9.49
N VAL B 378 18.57 -33.32 -10.71
CA VAL B 378 19.99 -33.48 -11.04
C VAL B 378 20.39 -32.57 -12.22
N ALA B 379 21.66 -32.16 -12.20
CA ALA B 379 22.36 -31.35 -13.18
C ALA B 379 23.83 -31.69 -12.92
N HIS B 380 24.76 -31.13 -13.70
CA HIS B 380 26.17 -31.39 -13.48
C HIS B 380 26.94 -30.09 -13.32
N ASP B 381 27.94 -30.05 -12.40
CA ASP B 381 28.76 -28.83 -12.24
C ASP B 381 29.75 -28.70 -13.40
N ALA B 382 30.63 -27.66 -13.39
CA ALA B 382 31.65 -27.41 -14.45
C ALA B 382 32.43 -28.66 -14.85
N SER B 383 32.90 -29.45 -13.84
CA SER B 383 33.69 -30.66 -14.04
C SER B 383 32.86 -31.92 -14.41
N GLY B 384 31.59 -31.73 -14.75
CA GLY B 384 30.69 -32.81 -15.15
C GLY B 384 30.05 -33.63 -14.05
N LYS B 385 30.43 -33.40 -12.79
CA LYS B 385 29.92 -34.09 -11.61
C LYS B 385 28.40 -33.84 -11.36
N ARG B 386 27.62 -34.93 -11.17
CA ARG B 386 26.19 -34.91 -10.82
C ARG B 386 25.96 -34.12 -9.52
N VAL B 387 25.12 -33.07 -9.58
CA VAL B 387 24.81 -32.21 -8.43
C VAL B 387 23.29 -32.17 -8.16
N TYR B 388 22.89 -32.57 -6.93
CA TYR B 388 21.50 -32.57 -6.46
C TYR B 388 21.07 -31.18 -5.96
N TYR B 389 19.93 -30.68 -6.46
CA TYR B 389 19.37 -29.39 -6.03
C TYR B 389 17.83 -29.51 -5.87
N LEU B 390 17.23 -28.63 -5.05
CA LEU B 390 15.77 -28.62 -4.91
C LEU B 390 15.21 -27.63 -5.94
N THR B 391 14.18 -28.07 -6.64
CA THR B 391 13.47 -27.29 -7.64
C THR B 391 11.96 -27.33 -7.34
N ARG B 392 11.13 -26.74 -8.20
CA ARG B 392 9.68 -26.73 -8.07
C ARG B 392 9.05 -26.33 -9.40
N ASP B 393 7.71 -26.32 -9.47
CA ASP B 393 7.05 -25.88 -10.68
C ASP B 393 7.15 -24.36 -10.72
N PRO B 394 7.71 -23.75 -11.80
CA PRO B 394 7.87 -22.29 -11.80
C PRO B 394 6.58 -21.46 -11.94
N THR B 395 5.41 -22.10 -12.12
CA THR B 395 4.12 -21.41 -12.33
C THR B 395 3.84 -20.33 -11.28
N THR B 396 3.84 -20.65 -9.98
CA THR B 396 3.54 -19.66 -8.94
C THR B 396 4.70 -18.64 -8.79
N PRO B 397 6.00 -19.04 -8.70
CA PRO B 397 7.07 -18.02 -8.70
C PRO B 397 7.00 -17.02 -9.87
N LEU B 398 6.68 -17.49 -11.11
CA LEU B 398 6.56 -16.62 -12.30
C LEU B 398 5.32 -15.72 -12.30
N ALA B 399 4.18 -16.22 -11.80
CA ALA B 399 2.95 -15.45 -11.71
C ALA B 399 3.09 -14.33 -10.67
N ARG B 400 3.86 -14.58 -9.60
CA ARG B 400 4.14 -13.60 -8.54
C ARG B 400 5.16 -12.58 -8.99
N ALA B 401 6.08 -12.99 -9.88
CA ALA B 401 7.11 -12.13 -10.45
C ALA B 401 6.47 -11.13 -11.39
N ALA B 402 5.43 -11.58 -12.16
CA ALA B 402 4.62 -10.78 -13.09
C ALA B 402 3.84 -9.76 -12.28
N TRP B 403 3.27 -10.17 -11.11
CA TRP B 403 2.56 -9.25 -10.24
C TRP B 403 3.51 -8.19 -9.66
N GLU B 404 4.72 -8.62 -9.27
CA GLU B 404 5.75 -7.76 -8.70
C GLU B 404 6.47 -6.92 -9.75
N THR B 405 6.25 -7.20 -11.03
CA THR B 405 6.84 -6.37 -12.09
C THR B 405 6.14 -5.00 -12.14
N ALA B 406 4.80 -4.95 -11.89
CA ALA B 406 3.95 -3.76 -11.95
C ALA B 406 3.61 -3.13 -10.59
N ARG B 407 3.61 -3.93 -9.51
CA ARG B 407 3.29 -3.48 -8.15
C ARG B 407 4.41 -3.77 -7.17
N HIS B 408 4.86 -2.74 -6.46
CA HIS B 408 5.89 -2.88 -5.43
C HIS B 408 5.21 -3.44 -4.17
N THR B 409 5.67 -4.62 -3.74
CA THR B 409 5.08 -5.41 -2.64
C THR B 409 5.90 -5.47 -1.32
N PRO B 410 5.25 -5.80 -0.17
CA PRO B 410 6.03 -5.91 1.08
C PRO B 410 6.93 -7.16 1.13
N VAL B 411 6.62 -8.17 0.29
CA VAL B 411 7.31 -9.44 0.13
C VAL B 411 7.81 -9.44 -1.30
N ASN B 412 9.14 -9.44 -1.50
CA ASN B 412 9.68 -9.43 -2.84
C ASN B 412 9.87 -10.87 -3.25
N SER B 413 8.73 -11.54 -3.54
CA SER B 413 8.64 -12.95 -3.90
C SER B 413 9.82 -13.43 -4.75
N TRP B 414 10.11 -12.71 -5.84
CA TRP B 414 11.18 -12.99 -6.78
C TRP B 414 12.57 -13.07 -6.18
N LEU B 415 12.85 -12.24 -5.14
CA LEU B 415 14.14 -12.21 -4.44
C LEU B 415 14.23 -13.44 -3.51
N GLY B 416 13.11 -13.79 -2.89
CA GLY B 416 12.98 -14.98 -2.06
C GLY B 416 13.24 -16.20 -2.93
N ASN B 417 12.54 -16.27 -4.09
CA ASN B 417 12.66 -17.29 -5.12
C ASN B 417 14.10 -17.45 -5.62
N ILE B 418 14.83 -16.35 -5.85
CA ILE B 418 16.23 -16.38 -6.32
C ILE B 418 17.13 -16.95 -5.23
N ILE B 419 16.90 -16.57 -3.98
CA ILE B 419 17.65 -17.08 -2.83
C ILE B 419 17.35 -18.57 -2.59
N MET B 420 16.07 -18.98 -2.65
CA MET B 420 15.61 -20.35 -2.44
C MET B 420 15.97 -21.31 -3.60
N TYR B 421 15.89 -20.80 -4.86
CA TYR B 421 16.10 -21.60 -6.06
C TYR B 421 17.19 -21.10 -7.02
N ALA B 422 18.32 -20.58 -6.48
CA ALA B 422 19.42 -20.15 -7.35
C ALA B 422 19.94 -21.24 -8.32
N PRO B 423 20.11 -22.54 -7.96
CA PRO B 423 20.65 -23.49 -8.94
C PRO B 423 19.71 -23.93 -10.09
N THR B 424 18.41 -23.59 -9.97
CA THR B 424 17.38 -23.95 -10.94
C THR B 424 17.50 -23.16 -12.23
N LEU B 425 17.21 -23.85 -13.32
CA LEU B 425 17.18 -23.37 -14.69
C LEU B 425 16.42 -22.02 -14.77
N TRP B 426 15.16 -22.04 -14.30
CA TRP B 426 14.18 -20.96 -14.33
C TRP B 426 14.50 -19.76 -13.44
N ALA B 427 15.08 -19.99 -12.24
CA ALA B 427 15.44 -18.87 -11.37
C ALA B 427 16.57 -18.12 -11.99
N ARG B 428 17.56 -18.86 -12.54
CA ARG B 428 18.75 -18.34 -13.22
C ARG B 428 18.42 -17.61 -14.49
N MET B 429 17.79 -18.30 -15.47
CA MET B 429 17.50 -17.76 -16.78
C MET B 429 16.43 -16.67 -16.85
N ILE B 430 15.38 -16.73 -16.00
CA ILE B 430 14.23 -15.82 -16.04
C ILE B 430 14.15 -14.82 -14.88
N LEU B 431 14.17 -15.29 -13.64
CA LEU B 431 14.02 -14.38 -12.51
C LEU B 431 15.20 -13.41 -12.36
N MET B 432 16.45 -13.92 -12.41
CA MET B 432 17.68 -13.12 -12.31
C MET B 432 17.76 -12.10 -13.46
N THR B 433 17.60 -12.60 -14.70
CA THR B 433 17.64 -11.85 -15.95
C THR B 433 16.64 -10.73 -15.95
N HIS B 434 15.37 -11.04 -15.67
CA HIS B 434 14.31 -10.04 -15.66
C HIS B 434 14.52 -8.95 -14.59
N PHE B 435 14.74 -9.38 -13.35
CA PHE B 435 14.85 -8.46 -12.24
C PHE B 435 16.15 -7.65 -12.25
N PHE B 436 17.28 -8.21 -12.73
CA PHE B 436 18.48 -7.37 -12.85
C PHE B 436 18.29 -6.29 -13.94
N SER B 437 17.53 -6.63 -15.00
CA SER B 437 17.20 -5.68 -16.06
C SER B 437 16.43 -4.49 -15.44
N ILE B 438 15.45 -4.79 -14.55
CA ILE B 438 14.67 -3.78 -13.83
C ILE B 438 15.57 -2.91 -12.91
N LEU B 439 16.38 -3.56 -12.04
CA LEU B 439 17.27 -2.88 -11.09
C LEU B 439 18.22 -1.91 -11.78
N LEU B 440 18.81 -2.33 -12.92
CA LEU B 440 19.74 -1.52 -13.74
C LEU B 440 19.10 -0.25 -14.29
N ALA B 441 17.84 -0.39 -14.74
CA ALA B 441 16.99 0.65 -15.31
C ALA B 441 16.67 1.70 -14.28
N GLN B 442 16.44 1.25 -13.06
CA GLN B 442 16.06 2.09 -11.94
C GLN B 442 17.21 2.52 -11.04
N GLU B 443 18.44 2.04 -11.32
CA GLU B 443 19.65 2.31 -10.53
C GLU B 443 19.42 1.87 -9.04
N GLN B 444 18.72 0.74 -8.84
CA GLN B 444 18.34 0.27 -7.49
C GLN B 444 19.01 -1.05 -7.07
N LEU B 445 20.19 -1.34 -7.65
CA LEU B 445 20.96 -2.53 -7.35
C LEU B 445 21.42 -2.52 -5.89
N GLU B 446 21.83 -1.35 -5.39
CA GLU B 446 22.35 -1.15 -4.04
C GLU B 446 21.21 -0.82 -3.03
N LYS B 447 19.94 -0.75 -3.48
CA LYS B 447 18.79 -0.49 -2.60
C LYS B 447 18.35 -1.81 -1.98
N ALA B 448 18.42 -1.93 -0.62
CA ALA B 448 18.00 -3.12 0.13
C ALA B 448 16.51 -3.37 0.03
N LEU B 449 16.13 -4.64 -0.08
CA LEU B 449 14.73 -5.05 -0.20
C LEU B 449 14.33 -6.03 0.87
N ASP B 450 13.19 -5.76 1.52
CA ASP B 450 12.62 -6.62 2.54
C ASP B 450 11.93 -7.77 1.78
N CYS B 451 12.33 -9.02 2.02
CA CYS B 451 11.70 -10.14 1.34
C CYS B 451 11.29 -11.24 2.32
N GLN B 452 9.98 -11.61 2.32
CA GLN B 452 9.42 -12.64 3.20
C GLN B 452 9.64 -14.02 2.60
N ILE B 453 10.40 -14.86 3.32
CA ILE B 453 10.70 -16.23 2.94
C ILE B 453 10.07 -17.15 3.97
N TYR B 454 9.06 -17.94 3.52
CA TYR B 454 8.32 -18.99 4.26
C TYR B 454 8.17 -18.78 5.79
N GLY B 455 8.01 -17.52 6.19
CA GLY B 455 7.89 -17.12 7.58
C GLY B 455 8.46 -15.75 7.87
N ALA B 456 9.75 -15.69 8.23
CA ALA B 456 10.48 -14.46 8.59
C ALA B 456 10.73 -13.46 7.44
N CYS B 457 11.17 -12.25 7.81
CA CYS B 457 11.46 -11.17 6.88
C CYS B 457 12.96 -10.86 6.88
N TYR B 458 13.54 -10.72 5.68
CA TYR B 458 14.95 -10.46 5.49
C TYR B 458 15.20 -9.20 4.68
N SER B 459 16.11 -8.35 5.14
CA SER B 459 16.51 -7.15 4.40
C SER B 459 17.74 -7.56 3.58
N ILE B 460 17.57 -7.70 2.25
CA ILE B 460 18.65 -8.14 1.35
C ILE B 460 18.97 -7.11 0.27
N GLU B 461 20.27 -6.80 0.08
CA GLU B 461 20.72 -5.91 -0.98
C GLU B 461 20.98 -6.79 -2.20
N PRO B 462 20.28 -6.58 -3.34
CA PRO B 462 20.49 -7.48 -4.50
C PRO B 462 21.96 -7.74 -4.88
N LEU B 463 22.84 -6.72 -4.75
CA LEU B 463 24.27 -6.83 -5.02
C LEU B 463 24.97 -7.94 -4.25
N ASP B 464 24.32 -8.41 -3.16
CA ASP B 464 24.81 -9.46 -2.26
C ASP B 464 24.39 -10.86 -2.67
N LEU B 465 23.55 -10.99 -3.69
CA LEU B 465 23.08 -12.29 -4.19
C LEU B 465 24.23 -13.26 -4.54
N PRO B 466 25.33 -12.89 -5.22
CA PRO B 466 26.39 -13.88 -5.47
C PRO B 466 26.93 -14.52 -4.18
N GLN B 467 27.33 -13.69 -3.19
CA GLN B 467 27.87 -14.18 -1.91
C GLN B 467 26.84 -14.92 -1.06
N ILE B 468 25.54 -14.49 -1.11
CA ILE B 468 24.43 -15.16 -0.40
C ILE B 468 24.26 -16.56 -0.98
N ILE B 469 24.11 -16.64 -2.31
CA ILE B 469 23.94 -17.91 -3.06
C ILE B 469 25.05 -18.92 -2.74
N GLU B 470 26.34 -18.50 -2.83
CA GLU B 470 27.50 -19.37 -2.59
C GLU B 470 27.43 -20.04 -1.20
N ARG B 471 26.96 -19.31 -0.18
CA ARG B 471 26.89 -19.82 1.17
C ARG B 471 25.64 -20.67 1.44
N LEU B 472 24.62 -20.59 0.56
CA LEU B 472 23.37 -21.37 0.67
C LEU B 472 23.29 -22.57 -0.29
N HIS B 473 24.07 -22.54 -1.39
CA HIS B 473 24.07 -23.57 -2.44
C HIS B 473 25.46 -24.05 -2.88
N GLY B 474 26.47 -23.18 -2.76
CA GLY B 474 27.84 -23.44 -3.21
C GLY B 474 28.16 -22.77 -4.55
N LEU B 475 29.38 -22.97 -5.07
CA LEU B 475 29.76 -22.40 -6.37
C LEU B 475 29.04 -23.14 -7.51
N SER B 476 28.56 -24.37 -7.23
CA SER B 476 27.82 -25.23 -8.17
C SER B 476 26.69 -24.46 -8.86
N ALA B 477 25.93 -23.67 -8.09
CA ALA B 477 24.78 -22.89 -8.53
C ALA B 477 25.07 -21.97 -9.73
N PHE B 478 26.30 -21.42 -9.80
CA PHE B 478 26.76 -20.54 -10.86
C PHE B 478 27.33 -21.31 -12.03
N SER B 479 27.57 -22.63 -11.86
CA SER B 479 28.19 -23.54 -12.85
C SER B 479 27.33 -24.72 -13.34
N LEU B 480 26.06 -24.87 -12.88
CA LEU B 480 25.18 -25.98 -13.30
C LEU B 480 24.75 -25.87 -14.75
N HIS B 481 24.65 -27.04 -15.38
CA HIS B 481 24.21 -27.26 -16.76
C HIS B 481 23.75 -28.73 -16.89
N SER B 482 23.29 -29.15 -18.08
CA SER B 482 22.82 -30.53 -18.35
C SER B 482 21.70 -30.97 -17.39
N TYR B 483 20.71 -30.09 -17.21
CA TYR B 483 19.52 -30.32 -16.41
C TYR B 483 18.74 -31.52 -16.96
N SER B 484 17.94 -32.17 -16.11
CA SER B 484 17.12 -33.31 -16.49
C SER B 484 16.11 -32.94 -17.60
N PRO B 485 15.79 -33.84 -18.55
CA PRO B 485 14.83 -33.50 -19.60
C PRO B 485 13.46 -33.20 -19.02
N GLY B 486 13.11 -33.94 -17.97
CA GLY B 486 11.86 -33.79 -17.24
C GLY B 486 11.67 -32.40 -16.66
N GLU B 487 12.77 -31.83 -16.11
CA GLU B 487 12.81 -30.48 -15.54
C GLU B 487 12.65 -29.47 -16.66
N ILE B 488 13.52 -29.55 -17.67
CA ILE B 488 13.50 -28.71 -18.87
C ILE B 488 12.07 -28.65 -19.49
N ASN B 489 11.36 -29.80 -19.58
CA ASN B 489 10.00 -29.86 -20.10
C ASN B 489 8.98 -29.23 -19.18
N ARG B 490 9.13 -29.40 -17.85
CA ARG B 490 8.21 -28.79 -16.88
C ARG B 490 8.23 -27.27 -17.04
N VAL B 491 9.46 -26.70 -17.17
CA VAL B 491 9.74 -25.27 -17.33
C VAL B 491 9.20 -24.76 -18.68
N ALA B 492 9.56 -25.43 -19.78
CA ALA B 492 9.12 -25.03 -21.12
C ALA B 492 7.60 -25.05 -21.30
N SER B 493 6.89 -25.97 -20.60
CA SER B 493 5.43 -26.05 -20.67
C SER B 493 4.79 -24.94 -19.87
N CYS B 494 5.41 -24.63 -18.71
CA CYS B 494 4.99 -23.56 -17.84
C CYS B 494 5.06 -22.23 -18.58
N LEU B 495 6.18 -21.98 -19.33
CA LEU B 495 6.39 -20.76 -20.11
C LEU B 495 5.35 -20.63 -21.21
N ARG B 496 4.94 -21.76 -21.83
CA ARG B 496 3.91 -21.76 -22.87
C ARG B 496 2.55 -21.44 -22.21
N LYS B 497 2.23 -22.08 -21.07
CA LYS B 497 0.99 -21.87 -20.31
C LYS B 497 0.75 -20.40 -19.93
N LEU B 498 1.79 -19.74 -19.37
CA LEU B 498 1.77 -18.35 -18.92
C LEU B 498 2.06 -17.32 -20.01
N GLY B 499 2.54 -17.74 -21.17
CA GLY B 499 2.87 -16.85 -22.28
C GLY B 499 4.17 -16.11 -22.05
N VAL B 500 5.08 -16.74 -21.30
CA VAL B 500 6.42 -16.25 -20.95
C VAL B 500 7.30 -16.47 -22.18
N PRO B 501 8.18 -15.51 -22.60
CA PRO B 501 9.05 -15.77 -23.77
C PRO B 501 9.89 -17.05 -23.63
N PRO B 502 10.25 -17.73 -24.75
CA PRO B 502 11.02 -18.98 -24.63
C PRO B 502 12.40 -18.77 -24.03
N LEU B 503 12.96 -19.81 -23.37
CA LEU B 503 14.29 -19.74 -22.73
C LEU B 503 15.38 -19.12 -23.60
N ARG B 504 15.31 -19.34 -24.94
CA ARG B 504 16.24 -18.79 -25.94
C ARG B 504 16.27 -17.26 -25.90
N VAL B 505 15.11 -16.62 -25.66
CA VAL B 505 14.97 -15.15 -25.54
C VAL B 505 15.70 -14.65 -24.27
N TRP B 506 15.57 -15.41 -23.16
CA TRP B 506 16.18 -15.09 -21.88
C TRP B 506 17.70 -15.16 -21.90
N ARG B 507 18.29 -16.11 -22.68
CA ARG B 507 19.76 -16.23 -22.79
C ARG B 507 20.32 -14.99 -23.51
N HIS B 508 19.59 -14.50 -24.51
CA HIS B 508 19.94 -13.33 -25.30
C HIS B 508 19.91 -12.07 -24.39
N ARG B 509 18.76 -11.83 -23.71
CA ARG B 509 18.59 -10.71 -22.78
C ARG B 509 19.67 -10.75 -21.69
N ALA B 510 19.95 -11.95 -21.08
CA ALA B 510 20.96 -12.13 -20.03
C ALA B 510 22.37 -11.70 -20.41
N ARG B 511 22.76 -11.92 -21.70
CA ARG B 511 24.04 -11.52 -22.29
C ARG B 511 24.17 -9.99 -22.18
N SER B 512 23.04 -9.26 -22.42
CA SER B 512 22.94 -7.82 -22.35
C SER B 512 23.02 -7.34 -20.91
N VAL B 513 22.17 -7.89 -20.00
CA VAL B 513 22.17 -7.51 -18.57
C VAL B 513 23.56 -7.77 -17.99
N ARG B 514 24.19 -8.89 -18.41
CA ARG B 514 25.53 -9.27 -17.98
C ARG B 514 26.54 -8.21 -18.37
N ALA B 515 26.53 -7.82 -19.67
CA ALA B 515 27.41 -6.79 -20.23
C ALA B 515 27.24 -5.48 -19.49
N ARG B 516 25.97 -5.05 -19.28
CA ARG B 516 25.61 -3.82 -18.57
C ARG B 516 26.15 -3.83 -17.12
N LEU B 517 26.00 -4.98 -16.38
CA LEU B 517 26.50 -5.18 -15.01
C LEU B 517 28.03 -5.12 -14.94
N LEU B 518 28.73 -5.69 -15.95
CA LEU B 518 30.20 -5.71 -15.99
C LEU B 518 30.76 -4.32 -16.24
N SER B 519 30.10 -3.56 -17.13
CA SER B 519 30.53 -2.19 -17.45
C SER B 519 30.38 -1.25 -16.24
N GLN B 520 29.54 -1.65 -15.25
CA GLN B 520 29.29 -0.94 -13.97
C GLN B 520 30.43 -1.09 -12.95
N GLY B 521 31.30 -2.11 -13.16
CA GLY B 521 32.42 -2.43 -12.27
C GLY B 521 31.99 -2.86 -10.88
N GLY B 522 32.98 -3.18 -10.05
CA GLY B 522 32.78 -3.58 -8.65
C GLY B 522 31.76 -4.69 -8.42
N ARG B 523 30.94 -4.54 -7.35
CA ARG B 523 29.91 -5.51 -6.95
C ARG B 523 28.93 -5.87 -8.08
N ALA B 524 28.58 -4.90 -8.93
CA ALA B 524 27.68 -5.13 -10.06
C ALA B 524 28.29 -6.06 -11.06
N ALA B 525 29.62 -5.92 -11.32
CA ALA B 525 30.40 -6.76 -12.24
C ALA B 525 30.57 -8.16 -11.66
N THR B 526 30.59 -8.27 -10.31
CA THR B 526 30.64 -9.54 -9.54
C THR B 526 29.29 -10.26 -9.76
N CYS B 527 28.17 -9.49 -9.77
CA CYS B 527 26.82 -9.96 -10.07
C CYS B 527 26.75 -10.42 -11.55
N GLY B 528 27.39 -9.65 -12.44
CA GLY B 528 27.47 -9.97 -13.85
C GLY B 528 28.23 -11.27 -14.11
N LYS B 529 29.50 -11.33 -13.62
CA LYS B 529 30.48 -12.43 -13.74
C LYS B 529 29.98 -13.80 -13.22
N TYR B 530 29.29 -13.82 -12.05
CA TYR B 530 28.82 -15.04 -11.38
C TYR B 530 27.38 -15.49 -11.68
N LEU B 531 26.42 -14.55 -11.70
CA LEU B 531 25.00 -14.87 -11.92
C LEU B 531 24.67 -15.10 -13.38
N PHE B 532 25.44 -14.50 -14.29
CA PHE B 532 25.14 -14.60 -15.72
C PHE B 532 26.24 -15.30 -16.53
N ASN B 533 27.08 -16.09 -15.86
CA ASN B 533 28.15 -16.87 -16.48
C ASN B 533 27.61 -18.03 -17.33
N TRP B 534 26.38 -18.48 -17.08
CA TRP B 534 25.74 -19.53 -17.86
C TRP B 534 25.38 -18.98 -19.25
N ALA B 535 25.09 -17.65 -19.36
CA ALA B 535 24.64 -16.99 -20.58
C ALA B 535 25.68 -16.90 -21.68
N VAL B 536 26.96 -16.64 -21.32
CA VAL B 536 28.07 -16.52 -22.27
C VAL B 536 28.55 -17.91 -22.76
N LYS B 537 28.98 -17.97 -24.05
CA LYS B 537 29.49 -19.19 -24.68
C LYS B 537 30.94 -19.40 -24.23
N THR B 538 31.76 -18.32 -24.32
CA THR B 538 33.13 -18.32 -23.82
C THR B 538 33.01 -18.06 -22.31
N LYS B 539 32.70 -19.13 -21.54
CA LYS B 539 32.50 -19.09 -20.10
C LYS B 539 33.79 -18.75 -19.33
N LEU B 540 33.65 -18.38 -18.05
CA LEU B 540 34.80 -18.04 -17.21
C LEU B 540 34.93 -19.11 -16.13
N LYS B 541 36.15 -19.35 -15.62
CA LYS B 541 36.28 -20.29 -14.50
C LYS B 541 36.26 -19.50 -13.18
N LEU B 542 35.12 -19.61 -12.47
CA LEU B 542 34.80 -18.92 -11.21
C LEU B 542 35.55 -19.44 -10.00
N THR B 543 35.82 -18.54 -9.07
CA THR B 543 36.53 -18.77 -7.82
C THR B 543 35.57 -18.48 -6.67
N PRO B 544 35.82 -18.90 -5.41
CA PRO B 544 34.90 -18.51 -4.34
C PRO B 544 35.10 -17.01 -4.05
N ILE B 545 34.00 -16.33 -3.68
CA ILE B 545 33.95 -14.89 -3.42
C ILE B 545 34.50 -14.56 -2.03
N PRO B 546 35.49 -13.63 -1.92
CA PRO B 546 36.06 -13.26 -0.59
C PRO B 546 35.04 -12.87 0.49
N ALA B 547 34.07 -12.01 0.11
CA ALA B 547 33.02 -11.49 1.00
C ALA B 547 32.03 -12.53 1.54
N ALA B 548 31.85 -13.67 0.85
CA ALA B 548 30.89 -14.72 1.22
C ALA B 548 31.02 -15.22 2.67
N SER B 549 32.25 -15.61 3.06
CA SER B 549 32.62 -16.10 4.41
C SER B 549 32.40 -15.05 5.52
N GLN B 550 32.44 -13.75 5.16
CA GLN B 550 32.26 -12.59 6.04
C GLN B 550 30.78 -12.24 6.31
N LEU B 551 29.83 -12.88 5.56
CA LEU B 551 28.40 -12.63 5.74
C LEU B 551 27.87 -13.36 6.98
N ASP B 552 27.20 -12.60 7.89
CA ASP B 552 26.65 -13.15 9.14
C ASP B 552 25.28 -13.77 8.91
N LEU B 553 25.26 -15.09 8.62
CA LEU B 553 24.02 -15.81 8.37
C LEU B 553 23.52 -16.58 9.62
N SER B 554 23.95 -16.12 10.81
CA SER B 554 23.54 -16.67 12.12
C SER B 554 22.11 -16.18 12.39
N GLY B 555 21.23 -17.12 12.72
CA GLY B 555 19.84 -16.82 13.00
C GLY B 555 18.93 -16.93 11.80
N TRP B 556 19.48 -17.28 10.64
CA TRP B 556 18.70 -17.45 9.41
C TRP B 556 18.01 -18.82 9.45
N PHE B 557 18.83 -19.88 9.50
CA PHE B 557 18.44 -21.29 9.48
C PHE B 557 18.54 -21.97 10.83
N VAL B 558 18.43 -21.24 11.92
CA VAL B 558 18.45 -21.88 13.23
C VAL B 558 17.03 -22.44 13.42
N ALA B 559 16.03 -21.73 12.81
CA ALA B 559 14.61 -22.04 12.83
C ALA B 559 13.79 -21.24 11.81
N GLY B 560 12.50 -21.60 11.73
CA GLY B 560 11.48 -20.95 10.92
C GLY B 560 10.52 -20.21 11.84
N TYR B 561 9.92 -19.10 11.34
CA TYR B 561 9.04 -18.23 12.14
C TYR B 561 7.81 -17.74 11.34
N SER B 562 6.83 -18.65 11.05
CA SER B 562 5.59 -18.43 10.27
C SER B 562 4.92 -17.07 10.51
N GLY B 563 4.09 -16.98 11.55
CA GLY B 563 3.49 -15.72 11.96
C GLY B 563 4.40 -15.11 13.00
N GLY B 564 5.61 -15.68 13.07
CA GLY B 564 6.69 -15.37 13.98
C GLY B 564 6.96 -13.90 14.14
N ASP B 565 6.82 -13.12 13.01
CA ASP B 565 7.01 -11.67 12.95
C ASP B 565 8.49 -11.46 13.32
N ILE B 566 9.41 -12.19 12.64
CA ILE B 566 10.87 -12.11 12.92
C ILE B 566 11.60 -11.40 11.78
N TYR B 567 12.53 -10.52 12.14
CA TYR B 567 13.28 -9.71 11.19
C TYR B 567 14.79 -9.91 11.29
N HIS B 568 15.47 -9.99 10.13
CA HIS B 568 16.92 -10.12 9.99
C HIS B 568 17.45 -9.06 9.02
N SER B 569 18.66 -8.55 9.29
CA SER B 569 19.32 -7.56 8.42
C SER B 569 20.80 -7.90 8.22
N LEU B 570 21.46 -7.26 7.23
CA LEU B 570 22.89 -7.50 7.02
C LEU B 570 23.74 -6.28 7.38
N1 9VY C . -7.05 17.45 -0.35
N3 9VY C . 0.24 19.57 0.94
C4 9VY C . -3.80 18.49 0.73
C5 9VY C . -5.19 18.51 0.76
C6 9VY C . -5.88 18.85 1.94
C7 9VY C . -8.06 18.11 4.62
C8 9VY C . -8.01 20.04 1.53
C10 9VY C . -5.93 18.17 -0.49
C13 9VY C . -10.77 15.24 -2.22
C15 9VY C . -9.65 15.80 -0.28
C17 9VY C . -12.86 13.84 -1.06
C20 9VY C . -9.17 16.35 -3.90
C21 9VY C . -7.33 17.47 -2.75
C22 9VY C . -6.17 18.23 -2.87
C24 9VY C . -0.64 19.43 4.61
C26 9VY C . 1.66 19.34 5.31
C28 9VY C . -0.02 19.99 6.87
O4 9VY C . -0.46 17.44 0.80
C30 9VY C . -0.57 18.58 1.27
C31 9VY C . 1.48 19.33 0.22
C 9VY C . -1.68 18.89 2.27
C3 9VY C . -3.10 18.81 1.89
N 9VY C . -7.30 18.90 2.10
S 9VY C . -8.00 17.57 2.97
O2 9VY C . -7.11 16.47 2.86
O1 9VY C . -9.33 17.41 2.48
C9 9VY C . -5.18 19.17 3.10
C2 9VY C . -3.80 19.14 3.03
O 9VY C . -2.96 19.42 4.07
C1 9VY C . -1.67 19.25 3.59
C29 9VY C . -0.98 19.84 5.89
C27 9VY C . 1.27 19.73 6.55
F1 9VY C . 2.22 19.87 7.50
C25 9VY C . 0.70 19.18 4.32
C23 9VY C . -5.46 18.58 -1.73
C11 9VY C . -7.75 17.09 -1.43
O3 9VY C . -8.00 17.22 -3.91
N2 9VY C . -9.63 15.98 -2.54
C19 9VY C . -11.74 14.68 -3.04
C18 9VY C . -12.79 13.98 -2.45
C16 9VY C . -11.86 14.41 -0.29
F 9VY C . -11.92 14.28 1.05
C14 9VY C . -10.79 15.11 -0.83
C12 9VY C . -8.96 16.31 -1.32
H20 9VY C . 0.04 20.53 1.18
H 9VY C . -3.23 18.24 -0.17
H2 9VY C . -7.51 17.48 5.33
H1 9VY C . -7.66 19.11 4.80
H3 9VY C . -9.05 18.16 5.09
H5 9VY C . -8.78 20.45 2.20
H6 9VY C . -8.52 19.76 0.62
H4 9VY C . -7.35 20.87 1.29
H8 9VY C . -9.42 15.86 0.77
H9 9VY C . -13.69 13.29 -0.62
H12 9VY C . -9.93 16.93 -4.43
H13 9VY C . -8.96 15.44 -4.47
H14 9VY C . -5.82 18.54 -3.85
H17 9VY C . 2.72 19.14 5.09
H18 9VY C . -0.31 20.31 7.86
H22 9VY C . 1.31 18.82 -0.74
H21 9VY C . 2.15 18.68 0.79
H23 9VY C . 2.02 20.25 -0.01
H7 9VY C . -5.65 19.45 4.05
H19 9VY C . -2.01 20.04 6.18
H16 9VY C . 1.04 18.86 3.34
H15 9VY C . -4.57 19.18 -1.92
H11 9VY C . -11.70 14.79 -4.12
H10 9VY C . -13.57 13.54 -3.07
N1 9VY D . 12.54 -23.85 2.77
N3 9VY D . 9.76 -30.94 3.50
C4 9VY D . 11.37 -27.22 2.65
C5 9VY D . 11.59 -25.95 2.10
C6 9VY D . 11.83 -25.82 0.73
C7 9VY D . 14.74 -25.08 0.63
C8 9VY D . 10.89 -23.76 -0.22
C10 9VY D . 11.58 -24.77 3.00
C13 9VY D . 14.76 -19.79 3.92
C15 9VY D . 14.71 -21.56 2.46
C17 9VY D . 16.90 -18.42 2.84
C20 9VY D . 12.81 -20.52 5.42
C21 9VY D . 11.77 -22.59 4.66
C22 9VY D . 10.77 -23.54 4.88
C24 9VY D . 11.39 -31.69 0.20
C26 9VY D . 11.58 -33.18 -1.70
C28 9VY D . 11.26 -34.08 0.50
O4 9VY D . 11.76 -30.27 4.27
C30 9VY D . 10.94 -30.35 3.36
C31 9VY D . 9.45 -31.76 4.66
C 9VY D . 11.22 -29.77 1.98
C3 9VY D . 11.38 -28.33 1.80
N 9VY D . 12.07 -24.61 0.03
S 9VY D . 13.63 -24.26 -0.45
O2 9VY D . 13.80 -22.86 -0.29
O1 9VY D . 13.79 -24.82 -1.76
C9 9VY D . 11.84 -26.91 -0.13
C2 9VY D . 11.61 -28.15 0.45
O 9VY D . 11.61 -29.35 -0.22
C1 9VY D . 11.37 -30.33 0.73
C29 9VY D . 11.24 -32.80 1.02
C27 9VY D . 11.44 -34.22 -0.85
F1 9VY D . 11.47 -35.48 -1.35
C25 9VY D . 11.57 -31.90 -1.17
C23 9VY D . 10.68 -24.64 4.04
C11 9VY D . 12.66 -22.78 3.57
O3 9VY D . 11.83 -21.57 5.58
N2 9VY D . 13.72 -20.66 4.27
C19 9VY D . 15.17 -18.59 4.51
C18 9VY D . 16.24 -17.91 3.95
C16 9VY D . 16.46 -19.61 2.29
F 9VY D . 17.09 -20.09 1.20
C14 9VY D . 15.38 -20.33 2.80
C12 9VY D . 13.70 -21.75 3.35
H20 9VY D . 9.03 -30.85 2.80
H 9VY D . 11.18 -27.37 3.71
H2 9VY D . 15.31 -24.43 1.30
H1 9VY D . 14.28 -25.76 1.33
H3 9VY D . 15.51 -25.69 0.16
H5 9VY D . 11.02 -23.11 -1.08
H6 9VY D . 10.71 -23.10 0.63
H4 9VY D . 9.99 -24.34 -0.40
H8 9VY D . 15.01 -22.19 1.62
H9 9VY D . 17.74 -17.87 2.42
H12 9VY D . 12.19 -19.62 5.34
H13 9VY D . 13.40 -20.46 6.34
H14 9VY D . 10.07 -23.42 5.70
H17 9VY D . 11.72 -33.33 -2.76
H18 9VY D . 11.15 -34.94 1.15
H22 9VY D . 9.59 -31.22 5.58
H21 9VY D . 10.09 -32.64 4.70
H23 9VY D . 8.42 -32.11 4.64
H7 9VY D . 12.02 -26.84 -1.21
H19 9VY D . 11.10 -32.71 2.10
H16 9VY D . 11.68 -31.07 -1.87
H15 9VY D . 9.87 -25.33 4.28
H11 9VY D . 14.66 -18.19 5.39
H10 9VY D . 16.58 -16.97 4.40
#